data_5YJF
#
_entry.id   5YJF
#
_cell.length_a   60.323
_cell.length_b   132.976
_cell.length_c   61.317
_cell.angle_alpha   90.00
_cell.angle_beta   103.57
_cell.angle_gamma   90.00
#
_symmetry.space_group_name_H-M   'P 1 21 1'
#
loop_
_entity.id
_entity.type
_entity.pdbx_description
1 polymer 'Nicotinamide N-methyltransferase'
2 non-polymer S-ADENOSYL-L-HOMOCYSTEINE
3 non-polymer 6-methoxy-1-methyl-2H-pyridine-3-carboxamide
4 water water
#
_entity_poly.entity_id   1
_entity_poly.type   'polypeptide(L)'
_entity_poly.pdbx_seq_one_letter_code
;MGSSHHHHHHSSGLVPRGSHMESGFTSKDTYLSHFNPRDYLEKYYKFGSRHSAESQILKHLLKNLFKIFCLDGVKGDLLI
DIGSGPTIYQLLSACESFKEIVVTDYSDQNLQELEKWLKAAPAAFDWSPVVTYVCDLEGNRVKGPEKEEKLRQAVKQVLK
CDVTQSQPLGAVPLPPADCVLSTLCLDAACPDLPTYCRALRNLGSLLKPGGFLVIMDALKSSYYMIGEQKFSSLPLGREA
VEAAVKEAGYTIEWFEVISQSYSSTMANNEGLFSLVARKLSRPL
;
_entity_poly.pdbx_strand_id   A,B,C,D
#
# COMPACT_ATOMS: atom_id res chain seq x y z
N PHE A 25 -26.11 2.77 34.11
CA PHE A 25 -25.09 2.83 33.00
C PHE A 25 -25.42 3.96 32.03
N THR A 26 -24.39 4.75 31.73
CA THR A 26 -24.45 5.85 30.78
C THR A 26 -25.18 5.47 29.48
N SER A 27 -26.38 6.01 29.34
CA SER A 27 -27.21 5.73 28.18
C SER A 27 -26.72 6.46 26.93
N LYS A 28 -27.29 6.09 25.79
CA LYS A 28 -26.96 6.70 24.50
C LYS A 28 -27.05 8.22 24.56
N ASP A 29 -28.21 8.70 25.02
CA ASP A 29 -28.51 10.14 25.12
C ASP A 29 -27.58 10.96 26.02
N THR A 30 -27.00 10.34 27.05
CA THR A 30 -25.98 11.00 27.89
C THR A 30 -24.76 11.39 27.05
N TYR A 31 -24.52 10.65 25.98
CA TYR A 31 -23.45 10.99 25.04
C TYR A 31 -23.84 12.16 24.16
N LEU A 32 -25.12 12.23 23.79
CA LEU A 32 -25.64 13.34 22.98
C LEU A 32 -25.59 14.67 23.73
N SER A 33 -25.90 14.64 25.01
CA SER A 33 -26.08 15.85 25.77
C SER A 33 -24.98 16.17 26.78
N HIS A 34 -24.01 15.27 26.97
CA HIS A 34 -22.97 15.49 27.99
C HIS A 34 -21.53 15.15 27.60
N PHE A 35 -21.33 14.49 26.47
CA PHE A 35 -20.00 14.27 25.97
C PHE A 35 -19.54 15.54 25.26
N ASN A 36 -18.65 16.30 25.91
CA ASN A 36 -18.06 17.49 25.29
C ASN A 36 -16.77 17.12 24.55
N PRO A 37 -16.81 17.14 23.20
CA PRO A 37 -15.70 16.68 22.36
C PRO A 37 -14.38 17.37 22.67
N ARG A 38 -14.43 18.69 22.83
CA ARG A 38 -13.24 19.51 23.02
C ARG A 38 -12.53 19.13 24.32
N ASP A 39 -13.27 19.20 25.42
CA ASP A 39 -12.80 18.74 26.72
C ASP A 39 -12.12 17.36 26.66
N TYR A 40 -12.77 16.41 26.00
CA TYR A 40 -12.23 15.07 25.86
C TYR A 40 -10.86 15.09 25.19
N LEU A 41 -10.75 15.85 24.10
CA LEU A 41 -9.49 15.99 23.40
C LEU A 41 -8.45 16.61 24.30
N GLU A 42 -8.82 17.64 25.05
CA GLU A 42 -7.87 18.29 25.95
C GLU A 42 -7.34 17.34 27.06
N LYS A 43 -8.24 16.57 27.66
CA LYS A 43 -7.86 15.72 28.79
C LYS A 43 -7.00 14.49 28.45
N TYR A 44 -7.15 13.96 27.24
CA TYR A 44 -6.50 12.70 26.88
C TYR A 44 -5.47 12.76 25.76
N TYR A 45 -5.71 13.61 24.76
CA TYR A 45 -4.90 13.58 23.56
C TYR A 45 -4.00 14.79 23.28
N LYS A 46 -3.66 15.57 24.32
CA LYS A 46 -2.77 16.73 24.10
C LYS A 46 -1.32 16.35 23.85
N PHE A 47 -0.88 15.23 24.43
CA PHE A 47 0.41 14.64 24.10
C PHE A 47 1.53 15.64 24.38
N GLY A 48 1.74 15.93 25.66
CA GLY A 48 2.81 16.82 26.10
C GLY A 48 4.08 16.03 26.38
N SER A 49 5.18 16.74 26.60
CA SER A 49 6.47 16.12 26.93
C SER A 49 6.58 15.56 28.34
N ARG A 50 5.74 16.03 29.25
CA ARG A 50 5.68 15.44 30.59
C ARG A 50 5.10 14.04 30.42
N HIS A 51 5.76 13.05 31.02
CA HIS A 51 5.43 11.64 30.73
C HIS A 51 4.30 11.07 31.59
N SER A 52 3.09 11.62 31.40
CA SER A 52 1.91 11.25 32.19
C SER A 52 1.30 9.96 31.68
N ALA A 53 0.40 9.38 32.48
CA ALA A 53 -0.28 8.12 32.15
C ALA A 53 -1.04 8.18 30.83
N GLU A 54 -1.72 9.29 30.59
CA GLU A 54 -2.49 9.48 29.37
C GLU A 54 -1.61 9.54 28.12
N SER A 55 -0.40 10.05 28.27
CA SER A 55 0.53 10.12 27.16
C SER A 55 1.12 8.76 26.90
N GLN A 56 1.41 8.03 27.98
CA GLN A 56 1.97 6.69 27.84
C GLN A 56 1.02 5.75 27.10
N ILE A 57 -0.25 5.76 27.46
CA ILE A 57 -1.25 4.95 26.76
C ILE A 57 -1.33 5.34 25.29
N LEU A 58 -1.40 6.65 25.02
CA LEU A 58 -1.42 7.12 23.64
C LEU A 58 -0.21 6.60 22.82
N LYS A 59 0.98 6.61 23.42
CA LYS A 59 2.17 6.10 22.74
C LYS A 59 1.97 4.64 22.35
N HIS A 60 1.34 3.88 23.25
CA HIS A 60 1.16 2.46 23.05
C HIS A 60 0.06 2.17 22.06
N LEU A 61 -0.96 3.00 22.06
CA LEU A 61 -2.00 2.87 21.05
C LEU A 61 -1.39 3.06 19.67
N LEU A 62 -0.68 4.18 19.49
CA LEU A 62 0.02 4.48 18.23
C LEU A 62 0.97 3.38 17.74
N LYS A 63 1.78 2.84 18.65
CA LYS A 63 2.70 1.76 18.28
C LYS A 63 1.97 0.49 17.86
N ASN A 64 0.93 0.13 18.60
CA ASN A 64 0.04 -0.94 18.16
C ASN A 64 -0.46 -0.79 16.74
N LEU A 65 -1.00 0.39 16.43
CA LEU A 65 -1.67 0.62 15.17
C LEU A 65 -0.66 0.61 14.06
N PHE A 66 0.48 1.24 14.32
CA PHE A 66 1.62 1.21 13.42
C PHE A 66 2.02 -0.23 13.09
N LYS A 67 2.16 -1.04 14.14
CA LYS A 67 2.51 -2.44 14.01
C LYS A 67 1.45 -3.22 13.27
N ILE A 68 0.18 -2.95 13.57
CA ILE A 68 -0.92 -3.65 12.91
C ILE A 68 -0.99 -3.27 11.43
N PHE A 69 -1.13 -1.98 11.17
CA PHE A 69 -1.35 -1.51 9.80
C PHE A 69 -0.13 -1.43 8.91
N CYS A 70 1.05 -1.15 9.48
CA CYS A 70 2.24 -1.01 8.62
C CYS A 70 3.13 -2.24 8.55
N LEU A 71 3.37 -2.88 9.69
CA LEU A 71 4.32 -3.97 9.78
C LEU A 71 3.72 -5.34 9.45
N ASP A 72 2.42 -5.47 9.66
CA ASP A 72 1.71 -6.69 9.32
C ASP A 72 0.93 -6.48 8.02
N GLY A 73 0.35 -7.55 7.49
CA GLY A 73 -0.31 -7.47 6.20
C GLY A 73 -1.74 -6.98 6.25
N VAL A 74 -2.05 -6.12 7.24
CA VAL A 74 -3.41 -5.61 7.44
C VAL A 74 -3.66 -4.38 6.56
N LYS A 75 -4.27 -4.66 5.41
CA LYS A 75 -4.38 -3.70 4.32
C LYS A 75 -5.66 -4.01 3.58
N GLY A 76 -6.04 -3.12 2.67
CA GLY A 76 -7.24 -3.35 1.87
C GLY A 76 -7.85 -2.08 1.31
N ASP A 77 -9.05 -2.21 0.76
CA ASP A 77 -9.71 -1.08 0.12
C ASP A 77 -10.49 -0.22 1.10
N LEU A 78 -11.06 -0.85 2.13
CA LEU A 78 -11.98 -0.18 3.05
C LEU A 78 -11.81 -0.49 4.55
N LEU A 79 -11.63 0.57 5.33
CA LEU A 79 -11.63 0.49 6.78
C LEU A 79 -12.81 1.28 7.32
N ILE A 80 -13.57 0.67 8.23
CA ILE A 80 -14.64 1.37 8.93
C ILE A 80 -14.23 1.55 10.38
N ASP A 81 -14.03 2.80 10.80
CA ASP A 81 -13.72 3.12 12.20
C ASP A 81 -15.00 3.35 12.99
N ILE A 82 -15.13 2.64 14.09
CA ILE A 82 -16.37 2.57 14.84
C ILE A 82 -16.19 3.23 16.21
N GLY A 83 -16.89 4.34 16.42
CA GLY A 83 -16.77 5.09 17.65
C GLY A 83 -15.58 6.03 17.66
N SER A 84 -15.26 6.63 16.52
CA SER A 84 -14.12 7.55 16.39
C SER A 84 -14.03 8.64 17.45
N GLY A 85 -15.18 9.02 17.99
CA GLY A 85 -15.29 10.21 18.80
C GLY A 85 -14.82 11.43 18.02
N PRO A 86 -14.19 12.40 18.71
CA PRO A 86 -13.65 13.56 18.03
C PRO A 86 -12.19 13.37 17.65
N THR A 87 -11.70 12.13 17.79
CA THR A 87 -10.28 11.80 17.66
C THR A 87 -9.97 11.20 16.32
N ILE A 88 -8.79 11.53 15.78
CA ILE A 88 -8.33 11.08 14.46
C ILE A 88 -7.00 10.31 14.51
N TYR A 89 -6.36 10.30 15.69
CA TYR A 89 -5.08 9.62 15.89
C TYR A 89 -5.14 8.17 15.39
N GLN A 90 -6.27 7.50 15.63
CA GLN A 90 -6.39 6.04 15.39
C GLN A 90 -6.36 5.66 13.91
N LEU A 91 -6.29 6.68 13.04
CA LEU A 91 -6.35 6.47 11.58
C LEU A 91 -5.08 6.89 10.87
N LEU A 92 -4.11 7.37 11.64
CA LEU A 92 -2.86 7.87 11.07
C LEU A 92 -1.98 6.78 10.46
N SER A 93 -1.95 5.60 11.05
CA SER A 93 -1.24 4.50 10.44
C SER A 93 -2.09 3.82 9.39
N ALA A 94 -3.39 3.70 9.70
CA ALA A 94 -4.35 3.01 8.84
C ALA A 94 -4.51 3.62 7.45
N CYS A 95 -4.23 4.91 7.30
CA CYS A 95 -4.41 5.61 6.01
C CYS A 95 -3.36 5.20 4.98
N GLU A 96 -2.23 4.69 5.47
CA GLU A 96 -1.18 4.14 4.61
C GLU A 96 -1.60 2.82 3.96
N SER A 97 -2.58 2.14 4.57
CA SER A 97 -2.90 0.76 4.24
C SER A 97 -4.30 0.56 3.69
N PHE A 98 -5.11 1.62 3.67
CA PHE A 98 -6.48 1.52 3.17
C PHE A 98 -6.82 2.71 2.28
N LYS A 99 -7.33 2.42 1.08
CA LYS A 99 -7.69 3.47 0.12
C LYS A 99 -8.82 4.32 0.66
N GLU A 100 -9.76 3.69 1.35
CA GLU A 100 -10.95 4.38 1.82
C GLU A 100 -11.17 4.12 3.30
N ILE A 101 -11.36 5.20 4.06
CA ILE A 101 -11.75 5.09 5.44
C ILE A 101 -13.14 5.72 5.58
N VAL A 102 -14.02 5.08 6.33
CA VAL A 102 -15.31 5.64 6.69
C VAL A 102 -15.29 5.80 8.20
N VAL A 103 -15.56 6.99 8.70
CA VAL A 103 -15.59 7.20 10.14
C VAL A 103 -16.99 7.41 10.64
N THR A 104 -17.22 6.93 11.86
CA THR A 104 -18.55 6.84 12.44
C THR A 104 -18.48 7.03 13.94
N ASP A 105 -19.39 7.84 14.46
CA ASP A 105 -19.65 7.86 15.88
C ASP A 105 -21.15 7.99 16.05
N TYR A 106 -21.61 7.74 17.26
CA TYR A 106 -23.03 7.90 17.58
C TYR A 106 -23.41 9.35 17.83
N SER A 107 -22.43 10.22 18.07
CA SER A 107 -22.74 11.57 18.51
C SER A 107 -22.27 12.66 17.55
N ASP A 108 -23.23 13.46 17.09
CA ASP A 108 -23.02 14.48 16.07
C ASP A 108 -22.01 15.54 16.49
N GLN A 109 -21.94 15.83 17.78
CA GLN A 109 -20.95 16.79 18.30
C GLN A 109 -19.53 16.31 18.04
N ASN A 110 -19.33 15.00 18.10
CA ASN A 110 -18.04 14.37 17.87
C ASN A 110 -17.68 14.36 16.40
N LEU A 111 -18.68 14.11 15.55
CA LEU A 111 -18.47 14.10 14.11
C LEU A 111 -18.18 15.51 13.59
N GLN A 112 -18.72 16.52 14.26
CA GLN A 112 -18.47 17.92 13.93
C GLN A 112 -17.06 18.38 14.33
N GLU A 113 -16.56 17.89 15.47
CA GLU A 113 -15.18 18.19 15.88
C GLU A 113 -14.19 17.55 14.93
N LEU A 114 -14.52 16.33 14.54
CA LEU A 114 -13.71 15.55 13.60
C LEU A 114 -13.73 16.14 12.18
N GLU A 115 -14.87 16.74 11.79
CA GLU A 115 -15.02 17.41 10.50
C GLU A 115 -14.29 18.73 10.45
N LYS A 116 -14.19 19.38 11.62
CA LYS A 116 -13.38 20.59 11.77
C LYS A 116 -11.97 20.28 11.28
N TRP A 117 -11.43 19.14 11.74
CA TRP A 117 -10.08 18.73 11.40
C TRP A 117 -9.91 18.27 9.95
N LEU A 118 -10.85 17.46 9.47
CA LEU A 118 -10.82 16.96 8.10
C LEU A 118 -10.84 18.08 7.06
N LYS A 119 -11.57 19.15 7.38
CA LYS A 119 -11.62 20.37 6.56
C LYS A 119 -10.50 21.37 6.89
N ALA A 120 -9.55 20.94 7.73
CA ALA A 120 -8.36 21.73 8.08
C ALA A 120 -8.72 23.11 8.61
N ALA A 121 -9.74 23.18 9.45
CA ALA A 121 -10.17 24.44 10.02
C ALA A 121 -9.16 24.93 11.06
N PRO A 122 -8.78 26.21 10.98
CA PRO A 122 -7.89 26.80 11.98
C PRO A 122 -8.37 26.56 13.44
N ALA A 123 -9.67 26.37 13.63
CA ALA A 123 -10.21 26.11 14.97
C ALA A 123 -10.23 24.62 15.37
N ALA A 124 -9.67 23.75 14.53
CA ALA A 124 -9.56 22.32 14.85
C ALA A 124 -8.47 22.05 15.88
N PHE A 125 -8.65 20.97 16.64
CA PHE A 125 -7.71 20.54 17.67
C PHE A 125 -6.34 20.37 17.06
N ASP A 126 -5.30 20.71 17.82
CA ASP A 126 -3.93 20.52 17.35
C ASP A 126 -3.50 19.08 17.54
N TRP A 127 -3.40 18.37 16.42
CA TRP A 127 -2.98 16.96 16.41
C TRP A 127 -1.49 16.80 16.11
N SER A 128 -0.83 17.90 15.77
CA SER A 128 0.53 17.85 15.24
C SER A 128 1.59 17.14 16.09
N PRO A 129 1.56 17.25 17.44
CA PRO A 129 2.55 16.45 18.20
C PRO A 129 2.34 14.94 18.08
N VAL A 130 1.10 14.54 17.81
CA VAL A 130 0.72 13.14 17.55
C VAL A 130 1.08 12.76 16.11
N VAL A 131 0.90 13.71 15.20
CA VAL A 131 1.19 13.47 13.79
C VAL A 131 2.70 13.30 13.58
N THR A 132 3.50 14.07 14.31
CA THR A 132 4.95 13.96 14.27
C THR A 132 5.42 12.64 14.86
N TYR A 133 4.77 12.20 15.93
CA TYR A 133 5.12 10.93 16.55
C TYR A 133 4.89 9.76 15.58
N VAL A 134 3.78 9.79 14.84
CA VAL A 134 3.46 8.71 13.91
C VAL A 134 4.41 8.73 12.70
N CYS A 135 4.77 9.92 12.25
CA CYS A 135 5.80 10.05 11.23
C CYS A 135 7.16 9.47 11.65
N ASP A 136 7.57 9.71 12.91
CA ASP A 136 8.77 9.11 13.48
C ASP A 136 8.78 7.59 13.34
N LEU A 137 7.70 6.96 13.79
CA LEU A 137 7.60 5.50 13.81
C LEU A 137 7.85 4.88 12.44
N GLU A 138 7.48 5.62 11.41
CA GLU A 138 7.61 5.16 10.03
C GLU A 138 8.86 5.74 9.37
N GLY A 139 9.84 6.11 10.19
CA GLY A 139 11.13 6.59 9.69
C GLY A 139 11.09 7.85 8.83
N ASN A 140 10.18 8.76 9.16
CA ASN A 140 10.08 10.08 8.50
C ASN A 140 10.19 10.09 6.98
N ARG A 141 9.62 9.05 6.36
CA ARG A 141 9.44 8.98 4.93
C ARG A 141 8.58 10.16 4.45
N VAL A 142 7.51 10.45 5.21
CA VAL A 142 6.64 11.60 4.93
C VAL A 142 6.78 12.70 6.00
N LYS A 143 6.64 13.95 5.57
CA LYS A 143 6.50 15.06 6.49
C LYS A 143 5.08 15.11 7.14
N GLY A 144 4.94 15.89 8.21
CA GLY A 144 3.66 16.12 8.86
C GLY A 144 2.53 16.50 7.91
N PRO A 145 2.64 17.68 7.25
CA PRO A 145 1.70 18.12 6.22
C PRO A 145 1.24 17.06 5.21
N GLU A 146 2.10 16.12 4.84
CA GLU A 146 1.72 15.07 3.88
C GLU A 146 1.06 13.87 4.54
N LYS A 147 1.39 13.63 5.80
CA LYS A 147 0.73 12.60 6.61
C LYS A 147 -0.74 13.00 6.77
N GLU A 148 -0.95 14.25 7.19
CA GLU A 148 -2.26 14.85 7.34
C GLU A 148 -3.06 14.82 6.04
N GLU A 149 -2.44 15.25 4.95
CA GLU A 149 -3.08 15.29 3.65
C GLU A 149 -3.57 13.93 3.18
N LYS A 150 -2.73 12.92 3.36
CA LYS A 150 -3.11 11.55 3.02
C LYS A 150 -4.36 11.07 3.78
N LEU A 151 -4.45 11.35 5.09
CA LEU A 151 -5.63 10.98 5.88
C LEU A 151 -6.91 11.66 5.41
N ARG A 152 -6.80 12.94 5.10
CA ARG A 152 -7.94 13.73 4.66
C ARG A 152 -8.51 13.16 3.36
N GLN A 153 -7.63 12.60 2.53
CA GLN A 153 -8.05 12.05 1.26
C GLN A 153 -8.59 10.65 1.45
N ALA A 154 -8.18 9.97 2.51
CA ALA A 154 -8.66 8.62 2.79
C ALA A 154 -10.06 8.63 3.36
N VAL A 155 -10.41 9.67 4.13
CA VAL A 155 -11.69 9.71 4.83
C VAL A 155 -12.80 10.15 3.88
N LYS A 156 -13.56 9.17 3.40
CA LYS A 156 -14.56 9.37 2.34
C LYS A 156 -15.95 9.72 2.87
N GLN A 157 -16.30 9.21 4.06
CA GLN A 157 -17.61 9.44 4.68
C GLN A 157 -17.55 9.56 6.21
N VAL A 158 -18.36 10.47 6.75
CA VAL A 158 -18.48 10.66 8.19
C VAL A 158 -19.93 10.34 8.55
N LEU A 159 -20.13 9.25 9.28
CA LEU A 159 -21.50 8.75 9.46
C LEU A 159 -21.92 8.55 10.89
N LYS A 160 -23.24 8.64 11.07
CA LYS A 160 -23.87 8.22 12.31
CA LYS A 160 -23.89 8.22 12.30
C LYS A 160 -23.74 6.70 12.42
N CYS A 161 -23.24 6.21 13.55
CA CYS A 161 -23.26 4.76 13.78
C CYS A 161 -23.89 4.44 15.13
N ASP A 162 -24.32 3.18 15.29
CA ASP A 162 -24.89 2.70 16.56
C ASP A 162 -24.61 1.19 16.68
N VAL A 163 -23.54 0.85 17.40
CA VAL A 163 -23.10 -0.54 17.52
C VAL A 163 -24.17 -1.50 18.05
N THR A 164 -25.19 -0.96 18.69
CA THR A 164 -26.24 -1.79 19.28
C THR A 164 -27.27 -2.22 18.24
N GLN A 165 -27.35 -1.49 17.14
CA GLN A 165 -28.26 -1.86 16.05
C GLN A 165 -27.63 -2.95 15.17
N SER A 166 -28.45 -3.90 14.71
CA SER A 166 -27.90 -5.00 13.89
C SER A 166 -27.48 -4.56 12.47
N GLN A 167 -28.01 -3.44 12.01
CA GLN A 167 -27.39 -2.67 10.94
C GLN A 167 -26.79 -1.40 11.56
N PRO A 168 -25.54 -1.48 12.05
CA PRO A 168 -24.96 -0.38 12.85
C PRO A 168 -25.01 0.98 12.13
N LEU A 169 -24.95 0.95 10.80
CA LEU A 169 -24.94 2.17 9.98
C LEU A 169 -26.31 2.56 9.47
N GLY A 170 -27.32 1.78 9.84
CA GLY A 170 -28.70 2.01 9.44
C GLY A 170 -28.93 1.86 7.95
N ALA A 171 -29.55 2.87 7.36
CA ALA A 171 -29.82 2.90 5.91
C ALA A 171 -28.56 2.86 5.06
N VAL A 172 -27.61 3.78 5.33
CA VAL A 172 -26.39 3.96 4.51
C VAL A 172 -25.78 2.66 4.00
N PRO A 173 -25.70 2.52 2.67
CA PRO A 173 -25.16 1.32 2.01
C PRO A 173 -23.66 1.40 1.69
N LEU A 174 -22.89 0.51 2.31
CA LEU A 174 -21.47 0.39 2.02
C LEU A 174 -21.19 -0.99 1.45
N PRO A 175 -20.12 -1.12 0.63
CA PRO A 175 -19.65 -2.44 0.24
C PRO A 175 -19.09 -3.17 1.48
N PRO A 176 -18.94 -4.52 1.40
CA PRO A 176 -18.24 -5.22 2.47
C PRO A 176 -16.85 -4.64 2.72
N ALA A 177 -16.51 -4.44 3.99
CA ALA A 177 -15.23 -3.84 4.36
C ALA A 177 -14.14 -4.88 4.54
N ASP A 178 -12.90 -4.43 4.33
CA ASP A 178 -11.74 -5.27 4.57
C ASP A 178 -11.35 -5.26 6.05
N CYS A 179 -11.73 -4.19 6.76
CA CYS A 179 -11.35 -4.00 8.15
C CYS A 179 -12.32 -3.11 8.93
N VAL A 180 -12.56 -3.49 10.18
CA VAL A 180 -13.32 -2.66 11.10
C VAL A 180 -12.46 -2.42 12.33
N LEU A 181 -12.28 -1.15 12.67
CA LEU A 181 -11.43 -0.75 13.76
C LEU A 181 -12.30 -0.07 14.79
N SER A 182 -12.10 -0.42 16.06
CA SER A 182 -12.82 0.26 17.14
C SER A 182 -11.92 0.46 18.34
N THR A 183 -11.80 1.70 18.79
CA THR A 183 -10.86 2.01 19.87
C THR A 183 -11.53 2.69 21.06
N LEU A 184 -11.46 2.04 22.21
CA LEU A 184 -12.06 2.57 23.44
C LEU A 184 -13.52 2.96 23.21
N CYS A 185 -14.21 2.22 22.35
CA CYS A 185 -15.60 2.49 22.08
C CYS A 185 -16.50 1.42 22.71
N LEU A 186 -16.05 0.18 22.64
CA LEU A 186 -16.90 -0.96 22.98
C LEU A 186 -17.19 -1.09 24.47
N ASP A 187 -16.20 -0.82 25.32
CA ASP A 187 -16.43 -0.77 26.76
C ASP A 187 -17.44 0.31 27.12
N ALA A 188 -17.41 1.41 26.36
CA ALA A 188 -18.27 2.56 26.59
C ALA A 188 -19.72 2.35 26.15
N ALA A 189 -19.91 1.70 25.01
CA ALA A 189 -21.23 1.61 24.39
C ALA A 189 -22.08 0.47 24.95
N CYS A 190 -21.44 -0.56 25.48
CA CYS A 190 -22.17 -1.77 25.87
C CYS A 190 -22.32 -1.97 27.39
N PRO A 191 -23.57 -1.87 27.89
CA PRO A 191 -23.90 -2.05 29.31
C PRO A 191 -23.69 -3.46 29.89
N ASP A 192 -23.61 -4.49 29.04
CA ASP A 192 -23.38 -5.88 29.49
C ASP A 192 -22.76 -6.78 28.40
N LEU A 193 -22.36 -7.98 28.80
CA LEU A 193 -21.73 -8.97 27.90
C LEU A 193 -22.61 -9.45 26.74
N PRO A 194 -23.89 -9.78 26.99
CA PRO A 194 -24.78 -9.99 25.85
C PRO A 194 -24.70 -8.84 24.82
N THR A 195 -24.75 -7.61 25.30
CA THR A 195 -24.73 -6.46 24.42
C THR A 195 -23.39 -6.32 23.72
N TYR A 196 -22.31 -6.59 24.45
CA TYR A 196 -20.95 -6.52 23.93
C TYR A 196 -20.74 -7.53 22.81
N CYS A 197 -21.27 -8.73 23.02
CA CYS A 197 -21.17 -9.81 22.05
C CYS A 197 -22.00 -9.54 20.78
N ARG A 198 -23.24 -9.08 20.96
CA ARG A 198 -24.13 -8.75 19.85
C ARG A 198 -23.58 -7.63 19.00
N ALA A 199 -22.93 -6.67 19.66
CA ALA A 199 -22.29 -5.53 18.99
C ALA A 199 -21.21 -6.02 18.03
N LEU A 200 -20.42 -6.98 18.50
CA LEU A 200 -19.35 -7.57 17.72
C LEU A 200 -19.87 -8.31 16.51
N ARG A 201 -21.03 -8.94 16.68
CA ARG A 201 -21.72 -9.62 15.60
C ARG A 201 -22.34 -8.58 14.65
N ASN A 202 -22.93 -7.54 15.24
CA ASN A 202 -23.45 -6.41 14.49
C ASN A 202 -22.36 -5.80 13.61
N LEU A 203 -21.17 -5.60 14.20
CA LEU A 203 -20.01 -5.08 13.49
C LEU A 203 -19.52 -6.02 12.40
N GLY A 204 -19.70 -7.31 12.64
CA GLY A 204 -19.32 -8.34 11.68
C GLY A 204 -20.09 -8.26 10.38
N SER A 205 -21.30 -7.69 10.42
CA SER A 205 -22.15 -7.65 9.24
C SER A 205 -21.65 -6.68 8.17
N LEU A 206 -20.69 -5.83 8.53
CA LEU A 206 -20.04 -4.91 7.59
C LEU A 206 -18.73 -5.48 7.00
N LEU A 207 -18.39 -6.72 7.36
CA LEU A 207 -17.10 -7.31 7.03
C LEU A 207 -17.12 -8.41 5.98
N LYS A 208 -16.16 -8.36 5.05
CA LYS A 208 -15.88 -9.51 4.17
C LYS A 208 -15.53 -10.71 5.02
N PRO A 209 -15.97 -11.91 4.58
CA PRO A 209 -15.38 -13.13 5.12
C PRO A 209 -13.85 -13.06 5.08
N GLY A 210 -13.20 -13.44 6.18
CA GLY A 210 -11.75 -13.35 6.30
C GLY A 210 -11.25 -11.95 6.64
N GLY A 211 -12.19 -11.04 6.90
CA GLY A 211 -11.92 -9.63 7.15
C GLY A 211 -11.47 -9.32 8.57
N PHE A 212 -10.88 -8.15 8.73
CA PHE A 212 -10.18 -7.80 9.96
C PHE A 212 -11.00 -7.00 10.94
N LEU A 213 -11.05 -7.48 12.17
CA LEU A 213 -11.54 -6.69 13.29
C LEU A 213 -10.36 -6.29 14.16
N VAL A 214 -10.28 -5.00 14.48
CA VAL A 214 -9.21 -4.45 15.33
C VAL A 214 -9.82 -3.64 16.50
N ILE A 215 -9.61 -4.13 17.72
CA ILE A 215 -10.12 -3.45 18.90
C ILE A 215 -9.02 -3.18 19.90
N MET A 216 -9.04 -1.99 20.48
CA MET A 216 -8.22 -1.74 21.62
C MET A 216 -9.09 -1.10 22.66
N ASP A 217 -9.01 -1.60 23.89
CA ASP A 217 -9.86 -1.05 24.91
C ASP A 217 -9.26 -1.13 26.31
N ALA A 218 -9.95 -0.52 27.26
CA ALA A 218 -9.59 -0.59 28.66
C ALA A 218 -9.89 -1.96 29.26
N LEU A 219 -9.05 -2.42 30.17
CA LEU A 219 -9.36 -3.64 30.95
C LEU A 219 -9.95 -3.32 32.32
N LYS A 220 -10.95 -4.10 32.73
CA LYS A 220 -11.54 -4.03 34.07
C LYS A 220 -11.73 -2.57 34.51
N SER A 221 -12.54 -1.86 33.73
CA SER A 221 -12.77 -0.45 33.93
C SER A 221 -14.28 -0.29 34.03
N SER A 222 -14.73 0.46 35.04
CA SER A 222 -16.17 0.70 35.24
C SER A 222 -16.57 2.16 35.08
N TYR A 223 -15.61 3.03 34.82
CA TYR A 223 -15.92 4.43 34.53
C TYR A 223 -14.70 5.11 33.94
N TYR A 224 -14.96 6.17 33.18
CA TYR A 224 -13.92 7.13 32.81
C TYR A 224 -14.47 8.55 32.91
N MET A 225 -13.58 9.51 33.14
CA MET A 225 -13.97 10.90 33.39
C MET A 225 -13.62 11.82 32.24
N ILE A 226 -14.50 12.77 31.98
CA ILE A 226 -14.18 13.90 31.10
C ILE A 226 -14.59 15.20 31.80
N GLY A 227 -13.61 15.88 32.38
CA GLY A 227 -13.89 17.07 33.18
C GLY A 227 -14.65 16.66 34.43
N GLU A 228 -15.84 17.23 34.60
CA GLU A 228 -16.72 16.90 35.72
C GLU A 228 -17.52 15.62 35.45
N GLN A 229 -17.79 15.35 34.17
CA GLN A 229 -18.65 14.23 33.78
C GLN A 229 -18.02 12.83 33.92
N LYS A 230 -18.77 11.94 34.57
CA LYS A 230 -18.40 10.53 34.69
C LYS A 230 -19.10 9.75 33.59
N PHE A 231 -18.43 8.74 33.05
CA PHE A 231 -19.01 7.88 32.02
C PHE A 231 -18.81 6.42 32.35
N SER A 232 -19.89 5.65 32.27
CA SER A 232 -19.86 4.22 32.59
C SER A 232 -18.97 3.42 31.66
N SER A 233 -18.33 2.40 32.23
CA SER A 233 -17.59 1.45 31.44
C SER A 233 -17.89 0.02 31.90
N LEU A 234 -17.99 -0.88 30.93
CA LEU A 234 -18.19 -2.29 31.18
C LEU A 234 -16.85 -2.91 31.56
N PRO A 235 -16.74 -3.38 32.82
CA PRO A 235 -15.49 -3.92 33.31
C PRO A 235 -15.34 -5.40 32.92
N LEU A 236 -14.58 -5.67 31.88
CA LEU A 236 -14.29 -7.06 31.54
C LEU A 236 -12.80 -7.31 31.45
N GLY A 237 -12.40 -8.54 31.77
CA GLY A 237 -11.01 -8.98 31.65
C GLY A 237 -10.72 -9.57 30.29
N ARG A 238 -9.48 -10.02 30.10
CA ARG A 238 -9.02 -10.68 28.86
C ARG A 238 -9.83 -11.91 28.47
N GLU A 239 -10.31 -12.67 29.47
CA GLU A 239 -11.03 -13.90 29.23
C GLU A 239 -12.41 -13.63 28.64
N ALA A 240 -13.14 -12.70 29.24
CA ALA A 240 -14.46 -12.34 28.76
C ALA A 240 -14.37 -11.76 27.36
N VAL A 241 -13.45 -10.81 27.17
CA VAL A 241 -13.26 -10.16 25.88
C VAL A 241 -13.04 -11.18 24.77
N GLU A 242 -12.02 -12.00 24.96
CA GLU A 242 -11.67 -13.04 24.02
C GLU A 242 -12.84 -14.00 23.77
N ALA A 243 -13.46 -14.51 24.84
CA ALA A 243 -14.63 -15.39 24.69
C ALA A 243 -15.77 -14.71 23.94
N ALA A 244 -16.01 -13.42 24.19
CA ALA A 244 -17.04 -12.69 23.45
C ALA A 244 -16.69 -12.55 21.97
N VAL A 245 -15.40 -12.40 21.65
CA VAL A 245 -14.98 -12.25 20.26
C VAL A 245 -15.15 -13.58 19.52
N LYS A 246 -14.59 -14.64 20.10
CA LYS A 246 -14.67 -15.98 19.52
C LYS A 246 -16.12 -16.36 19.28
N GLU A 247 -16.96 -16.05 20.27
CA GLU A 247 -18.38 -16.39 20.22
C GLU A 247 -19.10 -15.66 19.10
N ALA A 248 -18.64 -14.45 18.80
CA ALA A 248 -19.28 -13.60 17.81
C ALA A 248 -18.98 -14.07 16.37
N GLY A 249 -18.13 -15.09 16.25
CA GLY A 249 -17.79 -15.67 14.95
C GLY A 249 -16.46 -15.20 14.38
N TYR A 250 -15.54 -14.81 15.26
CA TYR A 250 -14.24 -14.35 14.85
C TYR A 250 -13.18 -15.35 15.26
N THR A 251 -12.07 -15.33 14.53
CA THR A 251 -10.91 -16.13 14.88
C THR A 251 -9.78 -15.17 15.30
N ILE A 252 -9.31 -15.30 16.54
CA ILE A 252 -8.30 -14.40 17.10
C ILE A 252 -6.91 -14.65 16.51
N GLU A 253 -6.39 -13.66 15.80
CA GLU A 253 -5.05 -13.78 15.24
C GLU A 253 -4.01 -13.42 16.30
N TRP A 254 -4.21 -12.29 16.97
CA TRP A 254 -3.42 -12.03 18.16
C TRP A 254 -4.10 -11.14 19.14
N PHE A 255 -3.56 -11.14 20.36
CA PHE A 255 -4.19 -10.57 21.52
C PHE A 255 -3.10 -10.19 22.52
N GLU A 256 -3.14 -8.94 22.98
CA GLU A 256 -2.09 -8.38 23.83
C GLU A 256 -2.71 -7.67 25.03
N VAL A 257 -2.12 -7.90 26.19
CA VAL A 257 -2.53 -7.23 27.41
C VAL A 257 -1.37 -6.38 27.92
N ILE A 258 -1.67 -5.16 28.30
CA ILE A 258 -0.66 -4.29 28.88
C ILE A 258 -1.13 -3.71 30.21
N SER A 259 -0.16 -3.56 31.13
CA SER A 259 -0.42 -3.13 32.50
C SER A 259 -0.76 -1.65 32.66
N GLN A 260 -0.17 -0.81 31.81
CA GLN A 260 -0.35 0.63 31.88
C GLN A 260 -1.81 1.08 32.07
N SER A 261 -2.05 1.85 33.13
CA SER A 261 -3.36 2.40 33.49
C SER A 261 -3.45 3.88 33.14
N TYR A 262 -4.67 4.40 33.07
CA TYR A 262 -4.92 5.83 33.10
C TYR A 262 -4.63 6.36 34.49
N SER A 263 -4.70 7.69 34.65
CA SER A 263 -4.50 8.33 35.94
C SER A 263 -5.68 7.98 36.83
N SER A 264 -5.45 7.87 38.15
CA SER A 264 -6.50 7.36 39.04
C SER A 264 -7.70 8.29 39.11
N THR A 265 -7.49 9.56 38.73
CA THR A 265 -8.57 10.57 38.72
C THR A 265 -9.39 10.51 37.42
N MET A 266 -9.00 9.62 36.51
CA MET A 266 -9.57 9.66 35.17
C MET A 266 -10.33 8.42 34.75
N ALA A 267 -9.79 7.26 35.11
CA ALA A 267 -10.42 5.94 34.88
C ALA A 267 -9.95 4.95 35.93
N ASN A 268 -10.70 3.87 36.16
CA ASN A 268 -10.28 2.84 37.09
C ASN A 268 -9.84 1.51 36.45
N ASN A 269 -9.20 1.60 35.27
CA ASN A 269 -8.77 0.39 34.56
C ASN A 269 -7.50 -0.28 35.12
N GLU A 270 -7.40 -1.58 34.89
CA GLU A 270 -6.19 -2.31 35.26
C GLU A 270 -5.20 -2.27 34.12
N GLY A 271 -5.71 -2.18 32.89
CA GLY A 271 -4.86 -1.99 31.74
C GLY A 271 -5.64 -1.85 30.46
N LEU A 272 -4.98 -2.19 29.36
CA LEU A 272 -5.60 -2.19 28.06
C LEU A 272 -5.27 -3.44 27.25
N PHE A 273 -6.07 -3.70 26.24
CA PHE A 273 -5.82 -4.83 25.36
C PHE A 273 -5.91 -4.40 23.90
N SER A 274 -5.18 -5.11 23.04
CA SER A 274 -5.33 -5.02 21.59
C SER A 274 -5.65 -6.41 21.07
N LEU A 275 -6.52 -6.49 20.08
CA LEU A 275 -6.66 -7.72 19.32
C LEU A 275 -6.85 -7.47 17.85
N VAL A 276 -6.33 -8.38 17.06
CA VAL A 276 -6.66 -8.46 15.65
C VAL A 276 -7.33 -9.80 15.43
N ALA A 277 -8.54 -9.74 14.89
CA ALA A 277 -9.34 -10.94 14.62
C ALA A 277 -9.74 -10.98 13.14
N ARG A 278 -10.10 -12.17 12.66
CA ARG A 278 -10.62 -12.34 11.31
C ARG A 278 -11.99 -12.98 11.33
N LYS A 279 -12.89 -12.50 10.47
CA LYS A 279 -14.26 -13.01 10.40
C LYS A 279 -14.31 -14.36 9.70
N LEU A 280 -15.29 -15.20 10.05
CA LEU A 280 -15.42 -16.57 9.49
C LEU A 280 -16.43 -16.69 8.33
N PHE B 25 11.33 -37.28 29.60
CA PHE B 25 11.60 -35.87 29.19
C PHE B 25 13.08 -35.64 28.88
N THR B 26 13.36 -35.18 27.66
CA THR B 26 14.73 -34.91 27.18
C THR B 26 15.67 -34.33 28.25
N SER B 27 16.68 -35.10 28.60
CA SER B 27 17.66 -34.69 29.60
C SER B 27 18.81 -33.90 28.98
N LYS B 28 19.52 -33.16 29.84
CA LYS B 28 20.70 -32.37 29.45
C LYS B 28 21.66 -33.11 28.52
N ASP B 29 22.02 -34.35 28.87
CA ASP B 29 22.98 -35.13 28.07
C ASP B 29 22.48 -35.64 26.70
N THR B 30 21.19 -35.46 26.41
CA THR B 30 20.69 -35.72 25.05
C THR B 30 20.66 -34.42 24.22
N TYR B 31 20.73 -33.29 24.91
CA TYR B 31 21.07 -32.01 24.27
C TYR B 31 22.54 -31.96 23.88
N LEU B 32 23.42 -32.29 24.82
CA LEU B 32 24.85 -32.38 24.58
C LEU B 32 25.23 -33.39 23.47
N SER B 33 24.48 -34.50 23.37
CA SER B 33 24.79 -35.55 22.41
C SER B 33 23.98 -35.55 21.11
N HIS B 34 22.74 -35.05 21.13
CA HIS B 34 21.87 -35.21 19.97
C HIS B 34 21.36 -33.93 19.27
N PHE B 35 21.49 -32.79 19.95
CA PHE B 35 21.13 -31.52 19.34
C PHE B 35 22.16 -31.17 18.28
N ASN B 36 21.71 -31.08 17.04
CA ASN B 36 22.56 -30.75 15.91
C ASN B 36 22.31 -29.29 15.46
N PRO B 37 23.28 -28.39 15.72
CA PRO B 37 23.08 -26.95 15.55
C PRO B 37 22.68 -26.54 14.14
N ARG B 38 23.36 -27.04 13.11
CA ARG B 38 23.04 -26.60 11.75
C ARG B 38 21.79 -27.26 11.17
N ASP B 39 21.51 -28.48 11.60
CA ASP B 39 20.21 -29.09 11.33
C ASP B 39 19.10 -28.15 11.77
N TYR B 40 19.19 -27.66 13.01
CA TYR B 40 18.21 -26.76 13.61
C TYR B 40 18.04 -25.45 12.82
N LEU B 41 19.16 -24.84 12.45
CA LEU B 41 19.13 -23.65 11.63
C LEU B 41 18.51 -23.90 10.25
N GLU B 42 18.85 -25.03 9.63
CA GLU B 42 18.32 -25.38 8.30
C GLU B 42 16.82 -25.68 8.33
N LYS B 43 16.32 -26.14 9.48
CA LYS B 43 14.93 -26.48 9.63
C LYS B 43 14.03 -25.29 9.97
N TYR B 44 14.50 -24.36 10.80
CA TYR B 44 13.65 -23.27 11.28
C TYR B 44 14.08 -21.85 10.89
N TYR B 45 15.29 -21.71 10.37
CA TYR B 45 15.83 -20.35 10.17
C TYR B 45 16.31 -19.99 8.77
N LYS B 46 16.18 -20.90 7.80
CA LYS B 46 16.58 -20.59 6.41
C LYS B 46 15.87 -19.33 5.89
N PHE B 47 14.60 -19.19 6.28
CA PHE B 47 13.87 -17.94 6.13
C PHE B 47 13.55 -17.69 4.67
N GLY B 48 12.71 -18.55 4.11
CA GLY B 48 12.40 -18.49 2.70
C GLY B 48 11.22 -17.62 2.35
N SER B 49 11.04 -17.42 1.05
CA SER B 49 9.95 -16.64 0.47
C SER B 49 8.64 -17.42 0.32
N ARG B 50 8.68 -18.71 0.63
CA ARG B 50 7.52 -19.60 0.45
C ARG B 50 6.43 -19.45 1.53
N HIS B 51 6.56 -18.48 2.42
CA HIS B 51 5.55 -18.26 3.48
C HIS B 51 5.24 -19.49 4.36
N SER B 52 6.25 -20.26 4.74
CA SER B 52 6.07 -21.41 5.62
C SER B 52 5.75 -20.99 7.06
N ALA B 53 5.11 -21.86 7.82
CA ALA B 53 4.87 -21.62 9.25
C ALA B 53 6.16 -21.19 9.96
N GLU B 54 7.26 -21.87 9.66
CA GLU B 54 8.53 -21.54 10.26
C GLU B 54 8.96 -20.10 9.94
N SER B 55 8.70 -19.68 8.70
CA SER B 55 9.01 -18.31 8.28
C SER B 55 8.12 -17.28 8.97
N GLN B 56 6.81 -17.49 8.88
CA GLN B 56 5.81 -16.64 9.54
C GLN B 56 6.16 -16.38 11.00
N ILE B 57 6.53 -17.46 11.70
CA ILE B 57 6.93 -17.37 13.11
C ILE B 57 8.21 -16.57 13.33
N LEU B 58 9.21 -16.79 12.48
CA LEU B 58 10.43 -16.03 12.62
C LEU B 58 10.15 -14.55 12.37
N LYS B 59 9.35 -14.26 11.34
CA LYS B 59 8.94 -12.90 11.05
C LYS B 59 8.32 -12.23 12.26
N HIS B 60 7.50 -12.99 13.00
CA HIS B 60 6.80 -12.41 14.14
C HIS B 60 7.68 -12.19 15.36
N LEU B 61 8.60 -13.13 15.62
CA LEU B 61 9.59 -12.96 16.68
C LEU B 61 10.46 -11.73 16.41
N LEU B 62 10.71 -11.44 15.12
CA LEU B 62 11.59 -10.33 14.76
C LEU B 62 10.90 -8.98 14.91
N LYS B 63 9.63 -8.89 14.46
CA LYS B 63 8.81 -7.68 14.63
C LYS B 63 8.60 -7.35 16.10
N ASN B 64 8.44 -8.39 16.91
CA ASN B 64 8.33 -8.19 18.34
C ASN B 64 9.62 -7.69 18.97
N LEU B 65 10.73 -8.37 18.67
CA LEU B 65 12.03 -7.96 19.22
C LEU B 65 12.42 -6.56 18.78
N PHE B 66 11.95 -6.17 17.59
CA PHE B 66 12.08 -4.80 17.08
C PHE B 66 11.17 -3.82 17.81
N LYS B 67 9.97 -4.27 18.15
CA LYS B 67 9.05 -3.42 18.91
C LYS B 67 9.65 -3.17 20.29
N ILE B 68 10.10 -4.23 20.95
CA ILE B 68 10.62 -4.13 22.31
C ILE B 68 11.89 -3.27 22.42
N PHE B 69 12.85 -3.48 21.52
CA PHE B 69 14.12 -2.77 21.61
C PHE B 69 14.18 -1.44 20.90
N CYS B 70 13.38 -1.23 19.85
CA CYS B 70 13.39 0.06 19.15
C CYS B 70 12.19 0.96 19.45
N LEU B 71 10.99 0.52 19.11
CA LEU B 71 9.79 1.34 19.27
C LEU B 71 9.53 1.64 20.75
N ASP B 72 9.95 0.71 21.61
CA ASP B 72 9.81 0.89 23.03
C ASP B 72 11.13 1.32 23.64
N GLY B 73 11.16 1.41 24.97
CA GLY B 73 12.33 1.97 25.63
C GLY B 73 13.21 0.97 26.32
N VAL B 74 13.11 -0.30 25.95
CA VAL B 74 13.92 -1.33 26.57
C VAL B 74 15.37 -1.22 26.09
N LYS B 75 16.16 -0.48 26.85
CA LYS B 75 17.57 -0.32 26.55
C LYS B 75 18.39 -0.43 27.82
N GLY B 76 19.70 -0.52 27.67
CA GLY B 76 20.57 -0.55 28.83
C GLY B 76 22.00 -0.88 28.50
N ASP B 77 22.76 -1.23 29.52
CA ASP B 77 24.16 -1.58 29.37
C ASP B 77 24.40 -3.05 29.03
N LEU B 78 23.97 -3.96 29.91
CA LEU B 78 24.21 -5.39 29.71
C LEU B 78 22.93 -6.20 29.55
N LEU B 79 22.86 -6.94 28.45
CA LEU B 79 21.75 -7.84 28.16
C LEU B 79 22.32 -9.25 28.09
N ILE B 80 21.68 -10.18 28.77
CA ILE B 80 22.09 -11.56 28.70
C ILE B 80 21.03 -12.36 27.93
N ASP B 81 21.45 -12.97 26.81
CA ASP B 81 20.61 -13.94 26.12
C ASP B 81 20.86 -15.32 26.75
N ILE B 82 19.84 -15.87 27.40
CA ILE B 82 19.90 -17.22 27.96
C ILE B 82 19.32 -18.24 26.97
N GLY B 83 20.07 -19.31 26.74
CA GLY B 83 19.67 -20.36 25.81
C GLY B 83 19.75 -19.89 24.37
N SER B 84 20.80 -19.12 24.07
CA SER B 84 21.02 -18.55 22.74
C SER B 84 20.86 -19.60 21.66
N GLY B 85 21.32 -20.82 21.95
CA GLY B 85 21.36 -21.85 20.93
C GLY B 85 22.36 -21.43 19.85
N PRO B 86 22.15 -21.89 18.60
CA PRO B 86 23.07 -21.53 17.52
C PRO B 86 22.73 -20.20 16.85
N THR B 87 21.66 -19.55 17.33
CA THR B 87 20.98 -18.43 16.65
C THR B 87 21.40 -17.04 17.08
N ILE B 88 21.36 -16.11 16.14
CA ILE B 88 21.70 -14.73 16.40
C ILE B 88 20.51 -13.77 16.22
N TYR B 89 19.52 -14.21 15.43
CA TYR B 89 18.43 -13.34 15.00
C TYR B 89 17.83 -12.45 16.07
N GLN B 90 17.81 -12.95 17.31
CA GLN B 90 17.15 -12.25 18.41
C GLN B 90 18.10 -11.27 19.08
N LEU B 91 19.28 -11.11 18.49
CA LEU B 91 20.24 -10.14 19.00
C LEU B 91 20.34 -8.93 18.08
N LEU B 92 19.81 -9.07 16.86
CA LEU B 92 19.99 -8.02 15.84
C LEU B 92 19.41 -6.67 16.24
N SER B 93 18.24 -6.68 16.89
CA SER B 93 17.64 -5.43 17.33
C SER B 93 18.22 -5.04 18.68
N ALA B 94 18.50 -6.05 19.50
CA ALA B 94 19.03 -5.82 20.84
C ALA B 94 20.36 -5.03 20.82
N CYS B 95 21.20 -5.27 19.82
CA CYS B 95 22.50 -4.59 19.73
C CYS B 95 22.46 -3.09 19.35
N GLU B 96 21.25 -2.58 19.10
CA GLU B 96 21.02 -1.15 18.95
C GLU B 96 20.75 -0.52 20.30
N SER B 97 20.32 -1.35 21.26
CA SER B 97 19.77 -0.89 22.52
C SER B 97 20.66 -1.20 23.72
N PHE B 98 21.73 -1.96 23.50
CA PHE B 98 22.62 -2.36 24.60
C PHE B 98 24.08 -2.25 24.25
N LYS B 99 24.89 -1.74 25.18
CA LYS B 99 26.34 -1.56 24.97
C LYS B 99 27.04 -2.90 24.88
N GLU B 100 26.48 -3.92 25.52
CA GLU B 100 27.14 -5.23 25.63
C GLU B 100 26.12 -6.37 25.76
N ILE B 101 26.41 -7.47 25.05
CA ILE B 101 25.57 -8.66 25.06
C ILE B 101 26.40 -9.90 25.42
N VAL B 102 25.82 -10.75 26.27
CA VAL B 102 26.43 -12.03 26.60
C VAL B 102 25.50 -13.11 26.07
N VAL B 103 26.05 -14.02 25.27
CA VAL B 103 25.29 -15.14 24.72
C VAL B 103 25.57 -16.32 25.60
N THR B 104 24.53 -17.09 25.91
CA THR B 104 24.70 -18.33 26.65
C THR B 104 23.82 -19.47 26.12
N ASP B 105 24.33 -20.68 26.27
CA ASP B 105 23.60 -21.88 25.97
C ASP B 105 24.21 -23.02 26.78
N TYR B 106 23.43 -24.07 26.98
CA TYR B 106 23.89 -25.21 27.76
C TYR B 106 24.76 -26.16 26.93
N SER B 107 24.58 -26.13 25.61
CA SER B 107 25.31 -27.04 24.73
C SER B 107 26.59 -26.42 24.15
N ASP B 108 27.73 -26.99 24.51
CA ASP B 108 29.04 -26.59 23.99
C ASP B 108 29.03 -26.51 22.48
N GLN B 109 28.37 -27.46 21.84
CA GLN B 109 28.37 -27.56 20.38
C GLN B 109 27.54 -26.46 19.69
N ASN B 110 26.57 -25.88 20.41
CA ASN B 110 25.80 -24.73 19.93
C ASN B 110 26.53 -23.40 20.03
N LEU B 111 27.20 -23.19 21.16
CA LEU B 111 28.13 -22.09 21.33
C LEU B 111 29.20 -22.09 20.22
N GLN B 112 29.61 -23.29 19.79
CA GLN B 112 30.53 -23.47 18.66
C GLN B 112 30.04 -22.86 17.34
N GLU B 113 28.81 -23.18 16.95
CA GLU B 113 28.19 -22.60 15.74
C GLU B 113 28.11 -21.09 15.80
N LEU B 114 27.60 -20.56 16.91
CA LEU B 114 27.50 -19.12 17.14
C LEU B 114 28.83 -18.40 16.92
N GLU B 115 29.89 -18.94 17.54
CA GLU B 115 31.24 -18.41 17.41
C GLU B 115 31.76 -18.39 15.97
N LYS B 116 31.33 -19.36 15.15
CA LYS B 116 31.63 -19.36 13.72
C LYS B 116 31.07 -18.12 13.07
N TRP B 117 29.83 -17.77 13.44
CA TRP B 117 29.22 -16.57 12.89
C TRP B 117 29.80 -15.28 13.46
N LEU B 118 30.21 -15.31 14.73
CA LEU B 118 30.88 -14.17 15.37
C LEU B 118 32.24 -13.91 14.72
N LYS B 119 32.97 -14.99 14.42
CA LYS B 119 34.27 -14.90 13.75
C LYS B 119 34.16 -14.65 12.25
N ALA B 120 32.92 -14.48 11.75
CA ALA B 120 32.65 -14.28 10.32
C ALA B 120 33.33 -15.35 9.48
N ALA B 121 33.20 -16.60 9.90
CA ALA B 121 33.66 -17.74 9.12
C ALA B 121 32.80 -17.87 7.86
N PRO B 122 33.42 -18.20 6.71
CA PRO B 122 32.60 -18.38 5.52
C PRO B 122 31.83 -19.69 5.61
N ALA B 123 32.17 -20.50 6.60
CA ALA B 123 31.47 -21.75 6.80
C ALA B 123 30.29 -21.46 7.72
N ALA B 124 30.25 -20.27 8.29
CA ALA B 124 29.10 -19.85 9.11
C ALA B 124 27.77 -19.91 8.35
N PHE B 125 26.68 -20.03 9.11
CA PHE B 125 25.33 -20.05 8.58
C PHE B 125 25.01 -18.68 8.01
N ASP B 126 24.36 -18.69 6.86
CA ASP B 126 23.91 -17.48 6.20
C ASP B 126 22.71 -16.92 6.93
N TRP B 127 22.86 -15.75 7.56
CA TRP B 127 21.75 -15.07 8.25
C TRP B 127 21.24 -13.87 7.47
N SER B 128 21.74 -13.70 6.26
CA SER B 128 21.55 -12.45 5.53
C SER B 128 20.10 -12.18 5.07
N PRO B 129 19.30 -13.23 4.83
CA PRO B 129 17.87 -12.93 4.68
C PRO B 129 17.28 -12.30 5.95
N VAL B 130 17.63 -12.83 7.10
CA VAL B 130 17.17 -12.28 8.38
C VAL B 130 17.70 -10.86 8.64
N VAL B 131 19.01 -10.69 8.41
CA VAL B 131 19.70 -9.40 8.58
C VAL B 131 19.05 -8.34 7.69
N THR B 132 18.74 -8.71 6.45
CA THR B 132 18.06 -7.83 5.50
C THR B 132 16.72 -7.38 6.04
N TYR B 133 15.95 -8.32 6.59
CA TYR B 133 14.60 -8.09 7.13
C TYR B 133 14.59 -7.11 8.31
N VAL B 134 15.50 -7.32 9.26
CA VAL B 134 15.58 -6.46 10.45
C VAL B 134 16.03 -5.07 10.06
N CYS B 135 17.00 -4.99 9.14
CA CYS B 135 17.45 -3.71 8.59
C CYS B 135 16.29 -2.93 7.97
N ASP B 136 15.31 -3.67 7.43
CA ASP B 136 14.10 -3.10 6.82
C ASP B 136 13.18 -2.47 7.86
N LEU B 137 12.92 -3.18 8.94
CA LEU B 137 12.08 -2.67 10.01
C LEU B 137 12.70 -1.47 10.71
N GLU B 138 14.03 -1.41 10.72
CA GLU B 138 14.73 -0.32 11.38
C GLU B 138 14.85 0.94 10.53
N GLY B 139 14.34 0.87 9.29
CA GLY B 139 14.26 2.04 8.42
C GLY B 139 15.35 2.18 7.36
N ASN B 140 16.05 1.07 7.08
CA ASN B 140 17.18 1.07 6.13
C ASN B 140 18.18 2.17 6.42
N ARG B 141 18.33 2.45 7.71
CA ARG B 141 19.26 3.44 8.22
C ARG B 141 20.66 2.88 8.08
N VAL B 142 20.78 1.57 8.30
CA VAL B 142 22.04 0.85 8.15
C VAL B 142 21.95 -0.21 7.05
N LYS B 143 23.10 -0.55 6.47
CA LYS B 143 23.21 -1.68 5.54
C LYS B 143 23.57 -2.96 6.29
N GLY B 144 23.21 -4.11 5.69
CA GLY B 144 23.46 -5.44 6.28
C GLY B 144 24.80 -5.63 7.00
N PRO B 145 25.92 -5.43 6.27
CA PRO B 145 27.26 -5.50 6.85
C PRO B 145 27.48 -4.59 8.07
N GLU B 146 26.89 -3.39 8.08
CA GLU B 146 27.04 -2.48 9.22
C GLU B 146 26.26 -3.02 10.43
N LYS B 147 25.06 -3.51 10.16
CA LYS B 147 24.24 -4.23 11.13
C LYS B 147 24.94 -5.44 11.75
N GLU B 148 25.60 -6.24 10.91
CA GLU B 148 26.32 -7.43 11.35
C GLU B 148 27.51 -7.07 12.23
N GLU B 149 28.34 -6.15 11.78
CA GLU B 149 29.50 -5.70 12.56
C GLU B 149 29.14 -5.10 13.91
N LYS B 150 27.97 -4.48 13.99
CA LYS B 150 27.49 -3.95 15.27
C LYS B 150 27.17 -5.08 16.24
N LEU B 151 26.65 -6.20 15.70
CA LEU B 151 26.31 -7.35 16.52
C LEU B 151 27.56 -8.06 17.00
N ARG B 152 28.59 -8.10 16.16
CA ARG B 152 29.83 -8.77 16.53
C ARG B 152 30.53 -8.03 17.66
N GLN B 153 30.59 -6.71 17.56
CA GLN B 153 31.20 -5.86 18.59
C GLN B 153 30.44 -5.87 19.92
N ALA B 154 29.14 -6.09 19.85
CA ALA B 154 28.30 -6.06 21.04
C ALA B 154 28.52 -7.33 21.87
N VAL B 155 28.75 -8.44 21.20
CA VAL B 155 28.90 -9.71 21.92
C VAL B 155 30.26 -9.74 22.60
N LYS B 156 30.23 -9.75 23.92
CA LYS B 156 31.45 -9.64 24.72
C LYS B 156 31.94 -11.00 25.19
N GLN B 157 31.00 -11.91 25.42
CA GLN B 157 31.29 -13.22 26.02
C GLN B 157 30.28 -14.28 25.61
N VAL B 158 30.79 -15.47 25.41
CA VAL B 158 29.97 -16.63 25.10
C VAL B 158 30.16 -17.60 26.25
N LEU B 159 29.08 -17.84 27.01
CA LEU B 159 29.21 -18.67 28.21
C LEU B 159 28.28 -19.88 28.28
N LYS B 160 28.81 -20.98 28.79
CA LYS B 160 27.97 -22.10 29.12
C LYS B 160 27.04 -21.67 30.25
N CYS B 161 25.84 -22.21 30.22
CA CYS B 161 24.81 -21.77 31.13
C CYS B 161 23.87 -22.91 31.44
N ASP B 162 23.14 -22.80 32.54
CA ASP B 162 22.20 -23.84 32.95
C ASP B 162 21.07 -23.22 33.77
N VAL B 163 19.94 -22.94 33.09
CA VAL B 163 18.76 -22.30 33.74
C VAL B 163 18.28 -22.99 35.01
N THR B 164 18.65 -24.26 35.18
CA THR B 164 18.18 -25.07 36.31
C THR B 164 19.07 -24.98 37.55
N GLN B 165 20.32 -24.55 37.37
CA GLN B 165 21.22 -24.34 38.50
C GLN B 165 20.99 -22.95 39.10
N SER B 166 20.92 -22.87 40.43
CA SER B 166 20.63 -21.60 41.11
C SER B 166 21.53 -20.43 40.66
N GLN B 167 22.77 -20.74 40.29
CA GLN B 167 23.66 -19.77 39.67
C GLN B 167 23.95 -20.18 38.22
N PRO B 168 23.06 -19.81 37.28
CA PRO B 168 23.08 -20.30 35.89
C PRO B 168 24.43 -20.21 35.17
N LEU B 169 25.28 -19.28 35.59
CA LEU B 169 26.58 -19.10 34.96
C LEU B 169 27.74 -19.52 35.87
N GLY B 170 27.43 -20.13 37.02
CA GLY B 170 28.44 -20.63 37.95
C GLY B 170 29.36 -19.57 38.51
N ALA B 171 30.64 -19.92 38.63
CA ALA B 171 31.68 -19.05 39.22
C ALA B 171 31.92 -17.73 38.47
N VAL B 172 31.35 -17.60 37.28
CA VAL B 172 31.60 -16.43 36.41
C VAL B 172 31.07 -15.08 36.95
N PRO B 173 31.97 -14.10 37.06
CA PRO B 173 31.55 -12.77 37.48
C PRO B 173 30.86 -12.02 36.34
N LEU B 174 29.65 -11.54 36.61
CA LEU B 174 28.96 -10.60 35.76
C LEU B 174 28.30 -9.53 36.63
N PRO B 175 28.40 -8.26 36.21
CA PRO B 175 27.71 -7.19 36.92
C PRO B 175 26.21 -7.32 36.64
N PRO B 176 25.35 -6.78 37.54
CA PRO B 176 23.92 -7.01 37.31
C PRO B 176 23.53 -6.50 35.93
N ALA B 177 22.76 -7.30 35.21
CA ALA B 177 22.32 -6.96 33.86
C ALA B 177 21.05 -6.12 33.88
N ASP B 178 20.75 -5.50 32.75
CA ASP B 178 19.57 -4.67 32.60
C ASP B 178 18.46 -5.42 31.87
N CYS B 179 18.83 -6.52 31.21
CA CYS B 179 17.85 -7.36 30.51
C CYS B 179 18.29 -8.83 30.41
N VAL B 180 17.36 -9.72 30.72
CA VAL B 180 17.48 -11.13 30.45
C VAL B 180 16.49 -11.43 29.32
N LEU B 181 17.02 -12.02 28.26
CA LEU B 181 16.24 -12.35 27.08
C LEU B 181 16.34 -13.84 26.89
N SER B 182 15.19 -14.49 26.70
CA SER B 182 15.19 -15.90 26.40
C SER B 182 14.15 -16.25 25.35
N THR B 183 14.64 -16.70 24.21
CA THR B 183 13.80 -17.14 23.11
C THR B 183 13.85 -18.67 23.00
N LEU B 184 12.64 -19.25 23.01
CA LEU B 184 12.38 -20.67 22.75
C LEU B 184 13.26 -21.65 23.52
N CYS B 185 13.65 -21.28 24.74
CA CYS B 185 14.55 -22.11 25.53
C CYS B 185 13.85 -22.75 26.73
N LEU B 186 13.05 -21.97 27.47
CA LEU B 186 12.50 -22.41 28.75
C LEU B 186 11.49 -23.57 28.72
N ASP B 187 10.70 -23.68 27.64
CA ASP B 187 9.85 -24.85 27.45
C ASP B 187 10.71 -26.11 27.33
N ALA B 188 11.81 -25.98 26.58
CA ALA B 188 12.65 -27.11 26.23
C ALA B 188 13.59 -27.56 27.36
N ALA B 189 13.90 -26.64 28.26
CA ALA B 189 14.84 -26.90 29.34
C ALA B 189 14.15 -27.32 30.64
N CYS B 190 12.86 -27.04 30.76
CA CYS B 190 12.15 -27.29 32.01
C CYS B 190 11.12 -28.40 31.90
N PRO B 191 11.32 -29.53 32.62
CA PRO B 191 10.42 -30.69 32.50
C PRO B 191 9.05 -30.46 33.14
N ASP B 192 8.98 -29.54 34.10
CA ASP B 192 7.74 -29.25 34.82
C ASP B 192 7.66 -27.78 35.24
N LEU B 193 6.45 -27.37 35.64
CA LEU B 193 6.15 -26.01 36.07
C LEU B 193 6.99 -25.53 37.25
N PRO B 194 7.10 -26.32 38.33
CA PRO B 194 7.94 -25.83 39.43
C PRO B 194 9.39 -25.58 39.02
N THR B 195 9.92 -26.38 38.10
CA THR B 195 11.27 -26.18 37.56
C THR B 195 11.35 -24.86 36.79
N TYR B 196 10.29 -24.56 36.04
CA TYR B 196 10.13 -23.34 35.23
C TYR B 196 10.21 -22.11 36.12
N CYS B 197 9.55 -22.21 37.27
CA CYS B 197 9.52 -21.15 38.26
C CYS B 197 10.90 -20.94 38.90
N ARG B 198 11.55 -22.02 39.33
CA ARG B 198 12.96 -21.98 39.77
C ARG B 198 13.84 -21.31 38.73
N ALA B 199 13.72 -21.74 37.48
CA ALA B 199 14.50 -21.20 36.38
C ALA B 199 14.37 -19.69 36.32
N LEU B 200 13.14 -19.20 36.37
CA LEU B 200 12.84 -17.78 36.29
C LEU B 200 13.44 -17.02 37.45
N ARG B 201 13.36 -17.63 38.63
CA ARG B 201 14.01 -17.11 39.83
C ARG B 201 15.53 -17.10 39.66
N ASN B 202 16.07 -18.15 39.05
CA ASN B 202 17.52 -18.29 38.87
C ASN B 202 18.10 -17.21 37.96
N LEU B 203 17.36 -16.90 36.90
CA LEU B 203 17.69 -15.81 35.97
C LEU B 203 17.60 -14.46 36.65
N GLY B 204 16.73 -14.39 37.65
CA GLY B 204 16.51 -13.18 38.44
C GLY B 204 17.76 -12.71 39.11
N SER B 205 18.59 -13.64 39.56
CA SER B 205 19.84 -13.30 40.26
C SER B 205 20.87 -12.64 39.33
N LEU B 206 20.58 -12.64 38.04
CA LEU B 206 21.45 -12.04 37.03
C LEU B 206 21.02 -10.62 36.70
N LEU B 207 19.80 -10.28 37.08
CA LEU B 207 19.23 -8.98 36.75
C LEU B 207 19.39 -7.98 37.86
N LYS B 208 19.54 -6.71 37.49
CA LYS B 208 19.38 -5.59 38.40
C LYS B 208 17.97 -5.62 38.98
N PRO B 209 17.83 -5.12 40.23
CA PRO B 209 16.50 -4.78 40.71
C PRO B 209 15.91 -3.70 39.78
N GLY B 210 14.82 -4.04 39.10
CA GLY B 210 14.22 -3.16 38.10
C GLY B 210 14.48 -3.60 36.66
N GLY B 211 15.34 -4.60 36.51
CA GLY B 211 15.75 -5.09 35.19
C GLY B 211 14.64 -5.76 34.41
N PHE B 212 14.78 -5.75 33.08
CA PHE B 212 13.74 -6.29 32.17
C PHE B 212 13.93 -7.78 31.91
N LEU B 213 12.80 -8.49 31.79
CA LEU B 213 12.78 -9.91 31.43
C LEU B 213 11.95 -10.01 30.18
N VAL B 214 12.59 -10.41 29.10
CA VAL B 214 11.88 -10.65 27.84
C VAL B 214 12.00 -12.12 27.50
N ILE B 215 10.85 -12.77 27.33
CA ILE B 215 10.80 -14.17 26.95
C ILE B 215 9.90 -14.30 25.74
N MET B 216 10.26 -15.20 24.84
CA MET B 216 9.39 -15.56 23.73
C MET B 216 9.49 -17.06 23.60
N ASP B 217 8.34 -17.73 23.55
CA ASP B 217 8.30 -19.21 23.58
C ASP B 217 7.00 -19.79 23.04
N ALA B 218 7.00 -21.10 22.79
CA ALA B 218 5.83 -21.82 22.28
C ALA B 218 4.74 -21.99 23.34
N LEU B 219 3.48 -21.90 22.93
CA LEU B 219 2.36 -22.22 23.82
C LEU B 219 1.88 -23.63 23.58
N LYS B 220 1.74 -24.40 24.66
CA LYS B 220 1.08 -25.71 24.60
C LYS B 220 1.74 -26.72 23.64
N SER B 221 3.08 -26.70 23.63
CA SER B 221 3.87 -27.61 22.81
C SER B 221 4.49 -28.70 23.67
N SER B 222 4.39 -29.94 23.22
CA SER B 222 4.90 -31.08 23.96
C SER B 222 6.13 -31.69 23.29
N TYR B 223 6.36 -31.32 22.03
CA TYR B 223 7.58 -31.72 21.33
C TYR B 223 7.99 -30.72 20.25
N TYR B 224 9.26 -30.78 19.86
CA TYR B 224 9.66 -30.19 18.62
C TYR B 224 10.73 -31.05 17.96
N MET B 225 10.78 -30.99 16.64
CA MET B 225 11.59 -31.89 15.81
C MET B 225 12.81 -31.18 15.27
N ILE B 226 13.95 -31.85 15.36
CA ILE B 226 15.09 -31.52 14.53
C ILE B 226 15.43 -32.74 13.65
N GLY B 227 14.90 -32.73 12.43
CA GLY B 227 14.97 -33.87 11.53
C GLY B 227 14.30 -35.07 12.15
N GLU B 228 15.03 -36.18 12.24
CA GLU B 228 14.57 -37.39 12.91
C GLU B 228 14.67 -37.32 14.43
N GLN B 229 15.27 -36.25 14.95
CA GLN B 229 15.39 -36.11 16.40
C GLN B 229 14.23 -35.36 17.04
N LYS B 230 13.58 -36.02 18.00
CA LYS B 230 12.49 -35.44 18.77
C LYS B 230 13.03 -34.84 20.08
N PHE B 231 12.58 -33.64 20.39
CA PHE B 231 12.96 -32.97 21.64
C PHE B 231 11.73 -32.60 22.46
N SER B 232 11.86 -32.71 23.77
CA SER B 232 10.72 -32.55 24.65
C SER B 232 10.40 -31.08 24.87
N SER B 233 9.12 -30.82 25.13
CA SER B 233 8.64 -29.47 25.34
C SER B 233 7.62 -29.47 26.47
N LEU B 234 7.67 -28.47 27.33
CA LEU B 234 6.71 -28.36 28.40
C LEU B 234 5.47 -27.63 27.88
N PRO B 235 4.33 -28.34 27.76
CA PRO B 235 3.13 -27.83 27.07
C PRO B 235 2.30 -26.95 27.99
N LEU B 236 2.78 -25.74 28.25
CA LEU B 236 2.15 -24.91 29.26
C LEU B 236 1.40 -23.69 28.71
N GLY B 237 0.33 -23.31 29.41
CA GLY B 237 -0.60 -22.31 28.92
C GLY B 237 -0.26 -20.89 29.35
N ARG B 238 -1.05 -19.96 28.82
CA ARG B 238 -0.92 -18.55 29.10
C ARG B 238 -0.96 -18.29 30.60
N GLU B 239 -1.94 -18.90 31.28
CA GLU B 239 -2.12 -18.70 32.71
C GLU B 239 -0.92 -19.20 33.52
N ALA B 240 -0.48 -20.42 33.21
CA ALA B 240 0.69 -20.99 33.87
C ALA B 240 1.89 -20.04 33.78
N VAL B 241 2.26 -19.68 32.56
CA VAL B 241 3.38 -18.76 32.31
C VAL B 241 3.22 -17.50 33.14
N GLU B 242 2.08 -16.83 32.97
CA GLU B 242 1.77 -15.59 33.72
C GLU B 242 1.95 -15.74 35.23
N ALA B 243 1.54 -16.88 35.78
CA ALA B 243 1.59 -17.08 37.23
C ALA B 243 3.00 -17.48 37.65
N ALA B 244 3.66 -18.26 36.80
CA ALA B 244 5.03 -18.69 37.03
C ALA B 244 5.97 -17.48 37.09
N VAL B 245 5.69 -16.47 36.25
CA VAL B 245 6.47 -15.24 36.22
C VAL B 245 6.15 -14.37 37.45
N LYS B 246 4.87 -14.21 37.76
CA LYS B 246 4.45 -13.49 38.96
C LYS B 246 5.09 -14.10 40.20
N GLU B 247 4.97 -15.42 40.35
CA GLU B 247 5.54 -16.15 41.49
C GLU B 247 7.10 -16.12 41.56
N ALA B 248 7.73 -15.83 40.44
CA ALA B 248 9.19 -15.74 40.38
C ALA B 248 9.71 -14.39 40.87
N GLY B 249 8.81 -13.45 41.18
CA GLY B 249 9.20 -12.13 41.64
C GLY B 249 9.42 -11.19 40.48
N TYR B 250 8.43 -11.10 39.60
CA TYR B 250 8.51 -10.24 38.42
C TYR B 250 7.17 -9.60 38.22
N THR B 251 7.18 -8.33 37.83
CA THR B 251 5.94 -7.66 37.43
C THR B 251 5.83 -7.53 35.91
N ILE B 252 4.70 -7.95 35.37
CA ILE B 252 4.53 -8.06 33.93
C ILE B 252 4.06 -6.74 33.30
N GLU B 253 4.86 -6.19 32.38
CA GLU B 253 4.50 -4.95 31.67
C GLU B 253 3.51 -5.22 30.53
N TRP B 254 3.80 -6.22 29.70
CA TRP B 254 2.86 -6.67 28.71
C TRP B 254 3.03 -8.14 28.33
N PHE B 255 1.93 -8.74 27.92
CA PHE B 255 1.85 -10.15 27.55
C PHE B 255 1.07 -10.29 26.25
N GLU B 256 1.61 -11.05 25.31
CA GLU B 256 1.00 -11.23 24.02
C GLU B 256 0.90 -12.70 23.62
N VAL B 257 -0.25 -13.11 23.10
CA VAL B 257 -0.33 -14.42 22.44
C VAL B 257 -0.75 -14.28 20.97
N ILE B 258 -0.06 -15.03 20.11
CA ILE B 258 -0.39 -15.14 18.70
C ILE B 258 -0.68 -16.59 18.38
N SER B 259 -1.71 -16.82 17.59
CA SER B 259 -2.21 -18.16 17.28
C SER B 259 -1.35 -18.97 16.28
N GLN B 260 -0.40 -18.32 15.62
CA GLN B 260 0.40 -18.96 14.58
C GLN B 260 1.23 -20.13 15.14
N SER B 261 1.18 -21.26 14.44
CA SER B 261 1.87 -22.47 14.89
C SER B 261 2.95 -22.98 13.93
N TYR B 262 3.87 -23.79 14.43
CA TYR B 262 4.84 -24.47 13.57
C TYR B 262 4.10 -25.50 12.73
N SER B 263 4.71 -25.91 11.62
CA SER B 263 4.20 -27.01 10.81
C SER B 263 4.02 -28.26 11.69
N SER B 264 2.86 -28.90 11.53
CA SER B 264 2.50 -30.10 12.30
C SER B 264 3.66 -31.09 12.44
N THR B 265 4.38 -31.32 11.35
CA THR B 265 5.47 -32.30 11.32
C THR B 265 6.69 -31.87 12.13
N MET B 266 6.60 -30.74 12.82
CA MET B 266 7.76 -30.25 13.55
C MET B 266 7.53 -29.93 15.02
N ALA B 267 6.37 -29.37 15.34
CA ALA B 267 6.00 -29.07 16.73
C ALA B 267 4.49 -29.05 16.87
N ASN B 268 3.98 -29.36 18.05
CA ASN B 268 2.55 -29.32 18.27
C ASN B 268 2.18 -28.20 19.25
N ASN B 269 2.75 -27.03 19.01
CA ASN B 269 2.34 -25.84 19.74
C ASN B 269 1.01 -25.32 19.19
N GLU B 270 0.32 -24.53 20.00
CA GLU B 270 -0.91 -23.92 19.56
C GLU B 270 -0.67 -22.44 19.29
N GLY B 271 0.46 -21.94 19.76
CA GLY B 271 0.90 -20.60 19.43
C GLY B 271 2.19 -20.23 20.13
N LEU B 272 2.40 -18.93 20.29
CA LEU B 272 3.58 -18.44 20.99
C LEU B 272 3.28 -17.20 21.79
N PHE B 273 4.04 -17.02 22.86
CA PHE B 273 3.87 -15.86 23.73
C PHE B 273 5.09 -15.00 23.74
N SER B 274 4.87 -13.70 23.91
CA SER B 274 5.90 -12.73 24.19
C SER B 274 5.50 -11.89 25.39
N LEU B 275 6.39 -11.82 26.36
CA LEU B 275 6.16 -10.97 27.52
C LEU B 275 7.34 -10.07 27.81
N VAL B 276 7.05 -8.89 28.34
CA VAL B 276 8.06 -8.02 28.92
C VAL B 276 7.82 -7.83 30.42
N ALA B 277 8.78 -8.27 31.24
CA ALA B 277 8.65 -8.20 32.69
C ALA B 277 9.74 -7.37 33.38
N ARG B 278 9.43 -6.85 34.56
CA ARG B 278 10.41 -6.20 35.42
C ARG B 278 10.52 -6.89 36.78
N LYS B 279 11.77 -7.13 37.19
CA LYS B 279 12.10 -7.68 38.50
C LYS B 279 11.83 -6.65 39.61
N LEU B 280 11.02 -7.08 40.59
CA LEU B 280 10.59 -6.26 41.73
C LEU B 280 11.76 -5.72 42.55
N PHE C 25 30.45 5.20 -21.21
CA PHE C 25 29.19 4.48 -20.82
C PHE C 25 29.42 2.99 -20.62
N THR C 26 28.61 2.39 -19.76
CA THR C 26 28.65 0.95 -19.47
C THR C 26 28.66 0.09 -20.73
N SER C 27 29.47 -0.97 -20.72
CA SER C 27 29.40 -2.02 -21.73
C SER C 27 28.44 -3.11 -21.28
N LYS C 28 28.06 -4.01 -22.19
CA LYS C 28 27.26 -5.18 -21.83
C LYS C 28 28.05 -6.03 -20.82
N ASP C 29 29.31 -6.29 -21.15
CA ASP C 29 30.23 -7.09 -20.33
C ASP C 29 30.19 -6.78 -18.82
N THR C 30 29.81 -5.56 -18.46
CA THR C 30 29.84 -5.14 -17.06
C THR C 30 28.55 -5.41 -16.31
N TYR C 31 27.45 -5.57 -17.06
CA TYR C 31 26.23 -6.11 -16.47
C TYR C 31 26.46 -7.54 -16.04
N LEU C 32 27.40 -8.22 -16.70
CA LEU C 32 27.78 -9.58 -16.34
C LEU C 32 28.65 -9.61 -15.08
N SER C 33 29.55 -8.63 -14.96
CA SER C 33 30.56 -8.66 -13.91
C SER C 33 30.16 -7.96 -12.60
N HIS C 34 29.31 -6.95 -12.67
CA HIS C 34 28.96 -6.19 -11.46
C HIS C 34 27.47 -5.85 -11.26
N PHE C 35 26.60 -6.38 -12.12
CA PHE C 35 25.16 -6.25 -11.89
C PHE C 35 24.69 -7.39 -10.99
N ASN C 36 24.54 -7.11 -9.70
CA ASN C 36 24.08 -8.12 -8.75
C ASN C 36 22.56 -8.20 -8.66
N PRO C 37 21.99 -9.29 -9.18
CA PRO C 37 20.54 -9.46 -9.32
C PRO C 37 19.80 -9.29 -7.99
N ARG C 38 20.37 -9.84 -6.93
CA ARG C 38 19.71 -9.84 -5.63
C ARG C 38 19.70 -8.44 -5.02
N ASP C 39 20.84 -7.76 -5.10
CA ASP C 39 20.94 -6.35 -4.67
C ASP C 39 19.97 -5.42 -5.36
N TYR C 40 19.83 -5.60 -6.67
CA TYR C 40 18.91 -4.86 -7.51
C TYR C 40 17.48 -4.98 -6.98
N LEU C 41 17.04 -6.22 -6.82
CA LEU C 41 15.73 -6.52 -6.27
C LEU C 41 15.50 -5.87 -4.91
N GLU C 42 16.53 -5.93 -4.06
CA GLU C 42 16.47 -5.40 -2.67
C GLU C 42 16.31 -3.89 -2.63
N LYS C 43 17.08 -3.19 -3.46
CA LYS C 43 17.11 -1.74 -3.48
C LYS C 43 15.91 -1.15 -4.21
N TYR C 44 15.41 -1.85 -5.22
CA TYR C 44 14.40 -1.23 -6.07
C TYR C 44 12.98 -1.77 -5.96
N TYR C 45 12.84 -3.03 -5.56
CA TYR C 45 11.54 -3.73 -5.66
C TYR C 45 11.02 -4.43 -4.40
N LYS C 46 11.62 -4.12 -3.24
CA LYS C 46 11.02 -4.50 -1.95
C LYS C 46 9.85 -3.55 -1.68
N PHE C 47 8.71 -4.11 -1.35
CA PHE C 47 7.48 -3.30 -1.34
C PHE C 47 6.94 -3.11 0.07
N GLY C 48 7.84 -3.04 1.04
CA GLY C 48 7.49 -2.72 2.42
C GLY C 48 6.75 -1.40 2.54
N SER C 49 5.96 -1.27 3.60
CA SER C 49 5.04 -0.13 3.77
C SER C 49 5.74 1.23 3.83
N ARG C 50 7.07 1.21 3.88
CA ARG C 50 7.89 2.40 3.66
C ARG C 50 7.55 2.98 2.29
N HIS C 51 7.15 4.24 2.27
CA HIS C 51 6.81 4.88 1.00
C HIS C 51 7.95 5.76 0.49
N SER C 52 8.76 5.16 -0.39
CA SER C 52 9.91 5.84 -1.00
C SER C 52 9.69 6.04 -2.50
N ALA C 53 10.60 6.79 -3.12
CA ALA C 53 10.57 7.02 -4.56
C ALA C 53 10.59 5.71 -5.33
N GLU C 54 11.24 4.70 -4.76
CA GLU C 54 11.27 3.38 -5.34
C GLU C 54 9.89 2.75 -5.33
N SER C 55 9.18 2.88 -4.21
CA SER C 55 7.83 2.33 -4.07
C SER C 55 6.85 3.01 -5.06
N GLN C 56 6.86 4.35 -5.08
CA GLN C 56 5.92 5.13 -5.87
C GLN C 56 6.10 4.87 -7.36
N ILE C 57 7.37 4.79 -7.77
CA ILE C 57 7.70 4.53 -9.16
C ILE C 57 7.18 3.15 -9.55
N LEU C 58 7.38 2.19 -8.66
CA LEU C 58 6.86 0.85 -8.87
C LEU C 58 5.33 0.89 -8.93
N LYS C 59 4.71 1.61 -7.99
CA LYS C 59 3.26 1.84 -8.02
C LYS C 59 2.79 2.40 -9.36
N HIS C 60 3.49 3.43 -9.83
CA HIS C 60 3.09 4.07 -11.07
C HIS C 60 3.26 3.11 -12.27
N LEU C 61 4.37 2.37 -12.27
CA LEU C 61 4.65 1.37 -13.30
C LEU C 61 3.53 0.34 -13.37
N LEU C 62 3.27 -0.29 -12.23
CA LEU C 62 2.21 -1.29 -12.10
C LEU C 62 0.86 -0.78 -12.60
N LYS C 63 0.43 0.41 -12.17
CA LYS C 63 -0.84 1.00 -12.65
C LYS C 63 -0.90 1.21 -14.17
N ASN C 64 0.21 1.65 -14.77
CA ASN C 64 0.30 1.76 -16.24
C ASN C 64 0.29 0.42 -16.96
N LEU C 65 1.04 -0.54 -16.41
CA LEU C 65 0.97 -1.92 -16.90
C LEU C 65 -0.45 -2.45 -16.83
N PHE C 66 -1.15 -2.12 -15.75
CA PHE C 66 -2.55 -2.50 -15.61
C PHE C 66 -3.45 -1.79 -16.64
N LYS C 67 -3.13 -0.55 -16.98
CA LYS C 67 -3.94 0.19 -17.94
C LYS C 67 -3.82 -0.38 -19.35
N ILE C 68 -2.59 -0.72 -19.71
CA ILE C 68 -2.26 -1.23 -21.05
C ILE C 68 -2.79 -2.66 -21.28
N PHE C 69 -2.51 -3.56 -20.34
CA PHE C 69 -2.86 -4.95 -20.53
C PHE C 69 -4.28 -5.33 -20.09
N CYS C 70 -4.80 -4.68 -19.05
CA CYS C 70 -6.17 -5.01 -18.58
C CYS C 70 -7.31 -4.10 -19.06
N LEU C 71 -7.04 -2.80 -19.18
CA LEU C 71 -8.07 -1.85 -19.54
C LEU C 71 -8.16 -1.57 -21.03
N ASP C 72 -7.01 -1.50 -21.70
CA ASP C 72 -6.98 -1.24 -23.13
C ASP C 72 -7.25 -2.48 -23.98
N GLY C 73 -6.72 -2.49 -25.20
CA GLY C 73 -6.91 -3.65 -26.07
C GLY C 73 -5.73 -4.60 -26.18
N VAL C 74 -4.65 -4.31 -25.45
CA VAL C 74 -3.38 -4.98 -25.67
C VAL C 74 -3.35 -6.46 -25.23
N LYS C 75 -3.84 -7.31 -26.13
CA LYS C 75 -3.97 -8.75 -25.89
C LYS C 75 -3.31 -9.51 -27.05
N GLY C 76 -3.17 -10.84 -26.88
CA GLY C 76 -2.59 -11.67 -27.91
C GLY C 76 -2.17 -13.06 -27.47
N ASP C 77 -1.41 -13.73 -28.33
CA ASP C 77 -0.85 -15.03 -28.01
C ASP C 77 0.50 -14.87 -27.34
N LEU C 78 1.44 -14.18 -28.00
CA LEU C 78 2.81 -14.16 -27.52
C LEU C 78 3.33 -12.79 -27.14
N LEU C 79 3.86 -12.71 -25.93
CA LEU C 79 4.58 -11.51 -25.51
C LEU C 79 6.05 -11.84 -25.21
N ILE C 80 6.95 -11.03 -25.77
CA ILE C 80 8.35 -11.10 -25.42
C ILE C 80 8.69 -9.93 -24.49
N ASP C 81 9.50 -10.23 -23.49
CA ASP C 81 9.92 -9.22 -22.52
C ASP C 81 11.43 -9.13 -22.62
N ILE C 82 11.92 -7.91 -22.79
CA ILE C 82 13.29 -7.71 -23.19
C ILE C 82 14.07 -7.02 -22.07
N GLY C 83 15.15 -7.66 -21.65
CA GLY C 83 15.90 -7.17 -20.51
C GLY C 83 15.12 -7.41 -19.23
N SER C 84 14.45 -8.56 -19.16
CA SER C 84 13.67 -8.95 -17.98
C SER C 84 14.42 -8.69 -16.68
N GLY C 85 15.74 -8.83 -16.73
CA GLY C 85 16.55 -8.78 -15.52
C GLY C 85 16.10 -9.90 -14.61
N PRO C 86 16.13 -9.67 -13.29
CA PRO C 86 15.69 -10.63 -12.29
C PRO C 86 14.23 -10.44 -11.87
N THR C 87 13.53 -9.56 -12.58
CA THR C 87 12.26 -9.03 -12.12
C THR C 87 11.09 -9.72 -12.77
N ILE C 88 9.97 -9.73 -12.05
CA ILE C 88 8.74 -10.32 -12.57
C ILE C 88 7.57 -9.34 -12.55
N TYR C 89 7.75 -8.19 -11.90
CA TYR C 89 6.65 -7.25 -11.68
C TYR C 89 5.97 -6.84 -12.99
N GLN C 90 6.75 -6.71 -14.05
CA GLN C 90 6.23 -6.13 -15.29
C GLN C 90 5.35 -7.12 -16.05
N LEU C 91 5.22 -8.33 -15.51
CA LEU C 91 4.53 -9.42 -16.22
C LEU C 91 3.25 -9.88 -15.55
N LEU C 92 2.86 -9.22 -14.46
CA LEU C 92 1.70 -9.63 -13.68
C LEU C 92 0.36 -9.22 -14.30
N SER C 93 0.30 -8.03 -14.88
CA SER C 93 -0.89 -7.68 -15.66
C SER C 93 -0.87 -8.38 -17.02
N ALA C 94 0.31 -8.46 -17.61
CA ALA C 94 0.45 -9.04 -18.94
C ALA C 94 -0.03 -10.50 -19.03
N CYS C 95 0.12 -11.26 -17.94
CA CYS C 95 -0.24 -12.66 -17.98
C CYS C 95 -1.76 -12.86 -17.94
N GLU C 96 -2.48 -11.76 -17.79
CA GLU C 96 -3.95 -11.72 -17.86
C GLU C 96 -4.43 -11.56 -19.31
N SER C 97 -3.51 -11.14 -20.18
CA SER C 97 -3.81 -10.76 -21.56
C SER C 97 -3.16 -11.64 -22.62
N PHE C 98 -2.23 -12.51 -22.23
CA PHE C 98 -1.46 -13.29 -23.22
C PHE C 98 -1.32 -14.79 -22.89
N LYS C 99 -1.50 -15.64 -23.92
CA LYS C 99 -1.29 -17.10 -23.81
C LYS C 99 0.09 -17.45 -23.27
N GLU C 100 1.11 -16.85 -23.88
CA GLU C 100 2.49 -17.25 -23.74
C GLU C 100 3.34 -16.03 -23.46
N ILE C 101 4.40 -16.23 -22.70
CA ILE C 101 5.35 -15.16 -22.43
C ILE C 101 6.77 -15.71 -22.48
N VAL C 102 7.62 -15.04 -23.23
CA VAL C 102 9.03 -15.35 -23.22
C VAL C 102 9.76 -14.24 -22.47
N VAL C 103 10.69 -14.61 -21.60
CA VAL C 103 11.46 -13.62 -20.85
C VAL C 103 12.92 -13.67 -21.28
N THR C 104 13.54 -12.50 -21.44
CA THR C 104 14.94 -12.48 -21.89
C THR C 104 15.80 -11.50 -21.11
N ASP C 105 17.07 -11.86 -20.91
CA ASP C 105 18.08 -10.92 -20.44
C ASP C 105 19.43 -11.25 -21.08
N TYR C 106 20.40 -10.34 -20.93
CA TYR C 106 21.73 -10.54 -21.49
C TYR C 106 22.64 -11.28 -20.50
N SER C 107 22.12 -11.47 -19.29
CA SER C 107 22.90 -11.95 -18.18
C SER C 107 22.36 -13.28 -17.64
N ASP C 108 23.21 -14.31 -17.65
CA ASP C 108 22.88 -15.61 -17.09
C ASP C 108 22.33 -15.49 -15.68
N GLN C 109 23.11 -14.85 -14.81
CA GLN C 109 22.76 -14.77 -13.39
C GLN C 109 21.39 -14.12 -13.15
N ASN C 110 21.02 -13.15 -13.99
CA ASN C 110 19.70 -12.55 -13.93
C ASN C 110 18.58 -13.53 -14.22
N LEU C 111 18.74 -14.32 -15.29
CA LEU C 111 17.81 -15.40 -15.60
C LEU C 111 17.84 -16.51 -14.54
N GLN C 112 19.00 -16.72 -13.92
CA GLN C 112 19.13 -17.63 -12.79
C GLN C 112 18.22 -17.22 -11.63
N GLU C 113 18.14 -15.93 -11.34
CA GLU C 113 17.19 -15.42 -10.33
C GLU C 113 15.73 -15.55 -10.77
N LEU C 114 15.45 -15.31 -12.04
CA LEU C 114 14.11 -15.51 -12.62
C LEU C 114 13.61 -16.93 -12.47
N GLU C 115 14.48 -17.90 -12.79
CA GLU C 115 14.11 -19.29 -12.76
C GLU C 115 13.96 -19.79 -11.32
N LYS C 116 14.57 -19.10 -10.38
CA LYS C 116 14.37 -19.40 -8.97
C LYS C 116 12.93 -19.07 -8.65
N TRP C 117 12.52 -17.84 -8.90
CA TRP C 117 11.13 -17.49 -8.67
C TRP C 117 10.19 -18.37 -9.45
N LEU C 118 10.49 -18.59 -10.72
CA LEU C 118 9.66 -19.43 -11.60
C LEU C 118 9.44 -20.85 -11.08
N LYS C 119 10.41 -21.37 -10.34
CA LYS C 119 10.36 -22.75 -9.84
C LYS C 119 9.84 -22.88 -8.41
N ALA C 120 9.29 -21.79 -7.86
CA ALA C 120 8.86 -21.70 -6.46
C ALA C 120 9.94 -22.13 -5.47
N ALA C 121 11.18 -21.70 -5.70
CA ALA C 121 12.27 -22.02 -4.79
C ALA C 121 12.22 -21.15 -3.53
N PRO C 122 12.39 -21.75 -2.34
CA PRO C 122 12.54 -21.00 -1.08
C PRO C 122 13.60 -19.89 -1.14
N ALA C 123 14.62 -20.08 -1.96
CA ALA C 123 15.67 -19.08 -2.16
C ALA C 123 15.24 -17.91 -3.07
N ALA C 124 14.09 -18.00 -3.71
CA ALA C 124 13.59 -16.92 -4.56
C ALA C 124 13.29 -15.63 -3.80
N PHE C 125 13.16 -14.53 -4.56
CA PHE C 125 12.82 -13.21 -4.03
C PHE C 125 11.34 -13.17 -3.70
N ASP C 126 10.97 -12.42 -2.67
CA ASP C 126 9.59 -12.34 -2.23
C ASP C 126 8.85 -11.21 -2.94
N TRP C 127 7.96 -11.57 -3.86
CA TRP C 127 7.22 -10.60 -4.66
C TRP C 127 5.79 -10.44 -4.18
N SER C 128 5.43 -11.11 -3.09
CA SER C 128 4.02 -11.17 -2.67
C SER C 128 3.38 -9.81 -2.32
N PRO C 129 4.13 -8.88 -1.69
CA PRO C 129 3.50 -7.57 -1.54
C PRO C 129 3.20 -6.86 -2.87
N VAL C 130 4.02 -7.10 -3.89
CA VAL C 130 3.80 -6.51 -5.21
C VAL C 130 2.66 -7.22 -5.95
N VAL C 131 2.65 -8.55 -5.84
CA VAL C 131 1.61 -9.38 -6.45
C VAL C 131 0.24 -9.02 -5.90
N THR C 132 0.14 -8.90 -4.58
CA THR C 132 -1.09 -8.49 -3.90
C THR C 132 -1.60 -7.15 -4.41
N TYR C 133 -0.68 -6.21 -4.55
CA TYR C 133 -1.00 -4.90 -5.10
C TYR C 133 -1.66 -5.00 -6.47
N VAL C 134 -1.07 -5.79 -7.38
CA VAL C 134 -1.65 -5.97 -8.71
C VAL C 134 -3.06 -6.54 -8.62
N CYS C 135 -3.23 -7.62 -7.86
CA CYS C 135 -4.54 -8.24 -7.65
C CYS C 135 -5.55 -7.22 -7.21
N ASP C 136 -5.11 -6.27 -6.40
CA ASP C 136 -5.97 -5.22 -5.87
C ASP C 136 -6.47 -4.32 -7.00
N LEU C 137 -5.54 -3.88 -7.86
CA LEU C 137 -5.92 -3.07 -9.03
C LEU C 137 -6.92 -3.81 -9.91
N GLU C 138 -6.63 -5.07 -10.20
CA GLU C 138 -7.47 -5.88 -11.06
C GLU C 138 -8.79 -6.24 -10.38
N GLY C 139 -8.96 -5.75 -9.15
CA GLY C 139 -10.22 -5.87 -8.42
C GLY C 139 -10.44 -7.18 -7.68
N ASN C 140 -9.37 -7.72 -7.10
CA ASN C 140 -9.40 -8.94 -6.29
C ASN C 140 -10.19 -10.10 -6.93
N ARG C 141 -9.81 -10.46 -8.15
CA ARG C 141 -10.36 -11.66 -8.81
C ARG C 141 -9.72 -12.91 -8.26
N VAL C 142 -8.43 -12.79 -7.98
CA VAL C 142 -7.62 -13.88 -7.51
C VAL C 142 -6.80 -13.39 -6.34
N LYS C 143 -6.11 -14.30 -5.66
CA LYS C 143 -5.16 -13.91 -4.65
C LYS C 143 -3.74 -14.22 -5.11
N GLY C 144 -2.76 -13.80 -4.31
CA GLY C 144 -1.34 -14.01 -4.56
C GLY C 144 -0.99 -15.34 -5.20
N PRO C 145 -1.23 -16.46 -4.48
CA PRO C 145 -1.02 -17.84 -4.97
C PRO C 145 -1.55 -18.14 -6.39
N GLU C 146 -2.82 -17.84 -6.63
CA GLU C 146 -3.47 -18.08 -7.92
C GLU C 146 -2.92 -17.18 -9.03
N LYS C 147 -2.55 -15.95 -8.67
CA LYS C 147 -2.00 -15.00 -9.63
C LYS C 147 -0.57 -15.35 -10.00
N GLU C 148 0.23 -15.75 -8.99
CA GLU C 148 1.57 -16.30 -9.20
C GLU C 148 1.52 -17.53 -10.14
N GLU C 149 0.61 -18.47 -9.84
CA GLU C 149 0.47 -19.67 -10.66
C GLU C 149 0.17 -19.37 -12.12
N LYS C 150 -0.67 -18.38 -12.38
CA LYS C 150 -0.99 -18.03 -13.75
C LYS C 150 0.23 -17.48 -14.46
N LEU C 151 1.10 -16.78 -13.73
CA LEU C 151 2.33 -16.27 -14.31
C LEU C 151 3.32 -17.40 -14.53
N ARG C 152 3.46 -18.27 -13.53
CA ARG C 152 4.39 -19.37 -13.62
C ARG C 152 4.14 -20.21 -14.83
N GLN C 153 2.87 -20.37 -15.21
CA GLN C 153 2.54 -21.15 -16.40
C GLN C 153 2.73 -20.34 -17.65
N ALA C 154 2.25 -19.09 -17.63
CA ALA C 154 2.36 -18.16 -18.75
C ALA C 154 3.74 -18.20 -19.39
N VAL C 155 4.77 -18.24 -18.55
CA VAL C 155 6.15 -18.16 -19.02
C VAL C 155 6.55 -19.47 -19.65
N LYS C 156 6.85 -19.43 -20.95
CA LYS C 156 7.20 -20.65 -21.71
C LYS C 156 8.70 -20.81 -21.95
N GLN C 157 9.44 -19.70 -22.08
CA GLN C 157 10.89 -19.76 -22.30
C GLN C 157 11.69 -18.69 -21.56
N VAL C 158 12.93 -19.03 -21.23
CA VAL C 158 13.88 -18.05 -20.72
C VAL C 158 15.10 -18.05 -21.65
N LEU C 159 15.40 -16.88 -22.23
CA LEU C 159 16.41 -16.79 -23.29
C LEU C 159 17.43 -15.69 -23.05
N LYS C 160 18.59 -15.84 -23.68
CA LYS C 160 19.58 -14.77 -23.70
C LYS C 160 19.30 -13.85 -24.89
N CYS C 161 19.38 -12.54 -24.67
CA CYS C 161 19.20 -11.57 -25.75
C CYS C 161 20.17 -10.40 -25.67
N ASP C 162 20.43 -9.80 -26.82
CA ASP C 162 21.22 -8.57 -26.93
C ASP C 162 20.52 -7.61 -27.90
N VAL C 163 19.99 -6.52 -27.34
CA VAL C 163 19.28 -5.49 -28.12
C VAL C 163 20.15 -4.82 -29.18
N THR C 164 21.46 -4.95 -29.05
CA THR C 164 22.38 -4.40 -30.05
C THR C 164 22.54 -5.33 -31.25
N GLN C 165 22.08 -6.57 -31.09
CA GLN C 165 22.18 -7.58 -32.16
C GLN C 165 20.97 -7.58 -33.08
N SER C 166 21.23 -7.62 -34.39
CA SER C 166 20.19 -7.55 -35.43
C SER C 166 19.07 -8.57 -35.22
N GLN C 167 19.44 -9.71 -34.65
CA GLN C 167 18.48 -10.70 -34.16
C GLN C 167 18.67 -10.81 -32.65
N PRO C 168 17.86 -10.06 -31.87
CA PRO C 168 18.08 -9.84 -30.44
C PRO C 168 18.22 -11.12 -29.64
N LEU C 169 17.70 -12.22 -30.17
CA LEU C 169 17.69 -13.50 -29.47
C LEU C 169 18.64 -14.50 -30.10
N GLY C 170 19.45 -14.02 -31.05
CA GLY C 170 20.37 -14.87 -31.78
C GLY C 170 19.65 -15.84 -32.70
N ALA C 171 20.12 -17.09 -32.71
CA ALA C 171 19.53 -18.14 -33.54
C ALA C 171 18.06 -18.41 -33.22
N VAL C 172 17.77 -18.59 -31.93
CA VAL C 172 16.48 -19.11 -31.44
C VAL C 172 15.28 -18.50 -32.14
N PRO C 173 14.59 -19.31 -32.96
CA PRO C 173 13.42 -18.82 -33.68
C PRO C 173 12.19 -18.82 -32.78
N LEU C 174 11.29 -17.87 -33.04
CA LEU C 174 10.00 -17.79 -32.35
C LEU C 174 8.94 -17.40 -33.36
N PRO C 175 7.65 -17.64 -33.01
CA PRO C 175 6.63 -17.04 -33.85
C PRO C 175 6.73 -15.52 -33.72
N PRO C 176 6.28 -14.78 -34.74
CA PRO C 176 6.22 -13.31 -34.63
C PRO C 176 5.32 -12.87 -33.46
N ALA C 177 5.81 -11.94 -32.65
CA ALA C 177 5.15 -11.60 -31.38
C ALA C 177 4.06 -10.55 -31.52
N ASP C 178 2.98 -10.71 -30.76
CA ASP C 178 1.87 -9.74 -30.75
C ASP C 178 2.26 -8.48 -29.98
N CYS C 179 3.19 -8.61 -29.04
CA CYS C 179 3.68 -7.48 -28.29
C CYS C 179 5.07 -7.76 -27.73
N VAL C 180 5.87 -6.72 -27.66
CA VAL C 180 7.21 -6.78 -27.08
C VAL C 180 7.34 -5.72 -25.99
N LEU C 181 7.70 -6.17 -24.79
CA LEU C 181 7.71 -5.31 -23.62
C LEU C 181 9.12 -5.13 -23.10
N SER C 182 9.47 -3.89 -22.74
CA SER C 182 10.80 -3.60 -22.21
C SER C 182 10.71 -2.52 -21.13
N THR C 183 11.09 -2.88 -19.91
CA THR C 183 11.00 -1.96 -18.78
C THR C 183 12.40 -1.65 -18.26
N LEU C 184 12.71 -0.35 -18.20
CA LEU C 184 14.00 0.19 -17.74
C LEU C 184 15.22 -0.56 -18.29
N CYS C 185 15.14 -0.92 -19.57
CA CYS C 185 16.20 -1.68 -20.21
C CYS C 185 17.01 -0.83 -21.19
N LEU C 186 16.32 -0.26 -22.18
CA LEU C 186 16.98 0.42 -23.31
C LEU C 186 17.98 1.53 -22.94
N ASP C 187 17.64 2.35 -21.95
CA ASP C 187 18.53 3.41 -21.47
C ASP C 187 19.86 2.89 -20.93
N ALA C 188 19.79 1.76 -20.24
CA ALA C 188 20.97 1.11 -19.68
C ALA C 188 21.86 0.48 -20.74
N ALA C 189 21.26 0.07 -21.86
CA ALA C 189 21.93 -0.75 -22.86
C ALA C 189 22.41 0.00 -24.12
N CYS C 190 21.81 1.16 -24.41
CA CYS C 190 22.16 1.93 -25.61
C CYS C 190 23.06 3.12 -25.29
N PRO C 191 24.37 3.02 -25.63
CA PRO C 191 25.36 4.09 -25.41
C PRO C 191 25.01 5.47 -26.02
N ASP C 192 24.04 5.52 -26.94
CA ASP C 192 23.69 6.77 -27.66
C ASP C 192 22.47 6.59 -28.57
N LEU C 193 21.93 7.71 -29.05
CA LEU C 193 20.69 7.74 -29.85
C LEU C 193 20.56 6.72 -31.00
N PRO C 194 21.57 6.65 -31.90
CA PRO C 194 21.50 5.69 -33.01
C PRO C 194 21.37 4.25 -32.53
N THR C 195 22.16 3.87 -31.52
CA THR C 195 22.06 2.54 -30.95
C THR C 195 20.66 2.31 -30.41
N TYR C 196 20.16 3.27 -29.63
CA TYR C 196 18.79 3.24 -29.11
C TYR C 196 17.84 2.98 -30.26
N CYS C 197 17.94 3.84 -31.27
CA CYS C 197 17.12 3.79 -32.47
C CYS C 197 17.20 2.41 -33.14
N ARG C 198 18.41 1.94 -33.39
CA ARG C 198 18.64 0.59 -33.92
C ARG C 198 17.99 -0.47 -33.03
N ALA C 199 18.13 -0.31 -31.71
CA ALA C 199 17.64 -1.29 -30.75
C ALA C 199 16.13 -1.46 -30.86
N LEU C 200 15.43 -0.35 -31.10
CA LEU C 200 13.99 -0.36 -31.32
C LEU C 200 13.59 -1.17 -32.56
N ARG C 201 14.36 -0.99 -33.63
CA ARG C 201 14.22 -1.77 -34.87
C ARG C 201 14.55 -3.25 -34.68
N ASN C 202 15.57 -3.54 -33.88
CA ASN C 202 15.93 -4.91 -33.55
C ASN C 202 14.78 -5.61 -32.80
N LEU C 203 14.18 -4.91 -31.85
CA LEU C 203 12.98 -5.41 -31.19
C LEU C 203 11.85 -5.56 -32.22
N GLY C 204 11.80 -4.63 -33.17
CA GLY C 204 10.78 -4.64 -34.25
C GLY C 204 10.74 -5.93 -35.07
N SER C 205 11.89 -6.57 -35.25
CA SER C 205 12.00 -7.82 -36.01
C SER C 205 11.33 -9.00 -35.30
N LEU C 206 11.17 -8.88 -33.98
CA LEU C 206 10.52 -9.91 -33.17
C LEU C 206 9.02 -9.75 -33.21
N LEU C 207 8.57 -8.66 -33.84
CA LEU C 207 7.17 -8.22 -33.80
C LEU C 207 6.40 -8.45 -35.09
N LYS C 208 5.14 -8.86 -34.95
CA LYS C 208 4.20 -8.89 -36.06
C LYS C 208 3.98 -7.48 -36.58
N PRO C 209 3.67 -7.35 -37.88
CA PRO C 209 2.98 -6.16 -38.37
C PRO C 209 1.72 -5.91 -37.55
N GLY C 210 1.50 -4.66 -37.13
CA GLY C 210 0.34 -4.28 -36.30
C GLY C 210 0.45 -4.63 -34.81
N GLY C 211 1.55 -5.27 -34.43
CA GLY C 211 1.81 -5.69 -33.05
C GLY C 211 2.35 -4.56 -32.20
N PHE C 212 2.26 -4.74 -30.88
CA PHE C 212 2.46 -3.65 -29.92
C PHE C 212 3.86 -3.54 -29.31
N LEU C 213 4.39 -2.31 -29.29
CA LEU C 213 5.64 -2.03 -28.60
C LEU C 213 5.37 -1.28 -27.31
N VAL C 214 5.65 -1.93 -26.18
CA VAL C 214 5.42 -1.36 -24.85
C VAL C 214 6.75 -1.04 -24.17
N ILE C 215 7.03 0.25 -24.00
CA ILE C 215 8.28 0.70 -23.37
C ILE C 215 8.04 1.56 -22.14
N MET C 216 8.82 1.30 -21.10
CA MET C 216 8.78 2.12 -19.91
C MET C 216 10.21 2.33 -19.42
N ASP C 217 10.61 3.59 -19.30
CA ASP C 217 11.98 3.87 -18.93
C ASP C 217 12.14 5.23 -18.24
N ALA C 218 13.39 5.53 -17.90
CA ALA C 218 13.76 6.79 -17.28
C ALA C 218 13.91 7.91 -18.31
N LEU C 219 13.40 9.09 -17.96
CA LEU C 219 13.61 10.30 -18.74
C LEU C 219 14.76 11.11 -18.15
N LYS C 220 15.62 11.62 -19.02
CA LYS C 220 16.74 12.49 -18.65
C LYS C 220 17.52 11.91 -17.45
N SER C 221 18.18 10.78 -17.68
CA SER C 221 18.94 10.09 -16.66
C SER C 221 20.28 9.70 -17.26
N SER C 222 21.36 9.84 -16.49
CA SER C 222 22.70 9.48 -16.99
C SER C 222 23.36 8.35 -16.22
N TYR C 223 22.77 7.98 -15.09
CA TYR C 223 23.23 6.83 -14.31
C TYR C 223 22.16 6.35 -13.34
N TYR C 224 22.37 5.13 -12.81
CA TYR C 224 21.61 4.61 -11.66
C TYR C 224 22.49 3.70 -10.79
N MET C 225 22.14 3.59 -9.51
CA MET C 225 23.00 2.93 -8.51
C MET C 225 22.42 1.66 -7.92
N ILE C 226 23.16 0.57 -8.05
CA ILE C 226 22.90 -0.62 -7.25
C ILE C 226 24.01 -0.80 -6.23
N GLY C 227 23.87 -0.13 -5.08
CA GLY C 227 24.89 -0.13 -4.04
C GLY C 227 25.97 0.85 -4.45
N GLU C 228 27.22 0.43 -4.37
CA GLU C 228 28.35 1.23 -4.85
C GLU C 228 28.42 1.18 -6.38
N GLN C 229 27.79 0.18 -6.99
CA GLN C 229 27.81 -0.02 -8.44
C GLN C 229 27.01 1.05 -9.19
N LYS C 230 27.74 1.87 -9.95
CA LYS C 230 27.16 2.88 -10.81
C LYS C 230 27.02 2.30 -12.20
N PHE C 231 25.86 2.50 -12.81
CA PHE C 231 25.58 2.06 -14.16
C PHE C 231 25.13 3.27 -14.93
N SER C 232 25.47 3.34 -16.22
CA SER C 232 25.11 4.51 -17.02
C SER C 232 23.77 4.36 -17.75
N SER C 233 23.24 5.52 -18.14
CA SER C 233 21.96 5.59 -18.81
C SER C 233 22.10 6.60 -19.92
N LEU C 234 21.33 6.40 -20.99
CA LEU C 234 21.20 7.40 -22.04
C LEU C 234 20.21 8.47 -21.60
N PRO C 235 20.71 9.69 -21.33
CA PRO C 235 19.79 10.73 -20.89
C PRO C 235 19.04 11.28 -22.10
N LEU C 236 17.79 10.87 -22.27
CA LEU C 236 16.97 11.39 -23.35
C LEU C 236 15.56 11.85 -22.92
N GLY C 237 15.03 12.86 -23.60
CA GLY C 237 13.70 13.42 -23.28
C GLY C 237 12.55 12.84 -24.09
N ARG C 238 11.40 13.50 -24.01
CA ARG C 238 10.15 13.06 -24.65
C ARG C 238 10.22 13.02 -26.19
N GLU C 239 10.76 14.10 -26.77
CA GLU C 239 10.86 14.31 -28.21
C GLU C 239 11.89 13.37 -28.84
N ALA C 240 12.99 13.12 -28.13
CA ALA C 240 14.03 12.21 -28.61
C ALA C 240 13.50 10.78 -28.72
N VAL C 241 12.74 10.36 -27.71
CA VAL C 241 12.12 9.05 -27.70
C VAL C 241 11.08 8.95 -28.80
N GLU C 242 10.17 9.93 -28.83
CA GLU C 242 9.09 9.99 -29.82
C GLU C 242 9.63 9.92 -31.26
N ALA C 243 10.70 10.68 -31.52
CA ALA C 243 11.36 10.66 -32.82
C ALA C 243 12.03 9.32 -33.09
N ALA C 244 12.78 8.81 -32.11
CA ALA C 244 13.49 7.54 -32.27
C ALA C 244 12.54 6.39 -32.56
N VAL C 245 11.40 6.39 -31.87
CA VAL C 245 10.33 5.42 -32.10
C VAL C 245 9.78 5.54 -33.52
N LYS C 246 9.56 6.78 -33.95
CA LYS C 246 9.09 7.07 -35.31
C LYS C 246 10.14 6.66 -36.32
N GLU C 247 11.41 6.84 -35.95
CA GLU C 247 12.54 6.50 -36.83
C GLU C 247 12.75 4.99 -36.98
N ALA C 248 12.29 4.23 -35.99
CA ALA C 248 12.45 2.78 -35.97
C ALA C 248 11.32 2.02 -36.68
N GLY C 249 10.35 2.74 -37.23
CA GLY C 249 9.24 2.11 -37.97
C GLY C 249 7.98 1.86 -37.15
N TYR C 250 7.73 2.73 -36.17
CA TYR C 250 6.53 2.66 -35.32
C TYR C 250 5.71 3.96 -35.32
N THR C 251 4.39 3.79 -35.30
CA THR C 251 3.45 4.85 -35.01
C THR C 251 3.06 4.76 -33.53
N ILE C 252 2.79 5.89 -32.89
CA ILE C 252 2.59 5.96 -31.43
C ILE C 252 1.10 6.02 -31.04
N GLU C 253 0.67 5.08 -30.20
CA GLU C 253 -0.71 4.98 -29.74
C GLU C 253 -0.92 5.65 -28.39
N TRP C 254 0.07 5.54 -27.49
CA TRP C 254 0.10 6.40 -26.30
C TRP C 254 1.42 6.64 -25.58
N PHE C 255 1.52 7.82 -24.97
CA PHE C 255 2.72 8.29 -24.29
C PHE C 255 2.32 8.91 -22.96
N GLU C 256 3.07 8.61 -21.91
CA GLU C 256 2.84 9.20 -20.61
C GLU C 256 4.13 9.55 -19.89
N VAL C 257 4.26 10.82 -19.54
CA VAL C 257 5.35 11.30 -18.71
C VAL C 257 4.90 11.25 -17.26
N ILE C 258 5.68 10.55 -16.43
CA ILE C 258 5.51 10.57 -14.98
C ILE C 258 6.65 11.37 -14.35
N SER C 259 6.29 12.27 -13.42
CA SER C 259 7.21 13.27 -12.88
C SER C 259 8.19 12.75 -11.82
N GLN C 260 7.82 11.67 -11.13
CA GLN C 260 8.60 11.10 -10.03
C GLN C 260 10.05 10.78 -10.40
N SER C 261 10.96 11.02 -9.46
CA SER C 261 12.37 10.65 -9.63
C SER C 261 12.77 9.61 -8.60
N TYR C 262 13.78 8.80 -8.92
CA TYR C 262 14.37 7.91 -7.93
C TYR C 262 15.03 8.71 -6.82
N SER C 263 15.34 8.04 -5.70
CA SER C 263 16.10 8.66 -4.64
C SER C 263 17.37 9.26 -5.24
N SER C 264 17.68 10.49 -4.84
CA SER C 264 18.85 11.21 -5.35
C SER C 264 20.11 10.34 -5.31
N THR C 265 20.16 9.46 -4.31
CA THR C 265 21.30 8.56 -4.07
C THR C 265 21.35 7.40 -5.04
N MET C 266 20.29 7.21 -5.82
CA MET C 266 20.17 6.03 -6.67
C MET C 266 20.14 6.32 -8.16
N ALA C 267 19.74 7.54 -8.55
CA ALA C 267 19.69 7.93 -9.97
C ALA C 267 19.47 9.41 -10.13
N ASN C 268 19.71 9.91 -11.35
CA ASN C 268 19.59 11.32 -11.63
C ASN C 268 18.47 11.62 -12.62
N ASN C 269 17.42 10.80 -12.58
CA ASN C 269 16.30 10.95 -13.49
C ASN C 269 15.39 12.09 -13.07
N GLU C 270 14.60 12.59 -14.02
CA GLU C 270 13.67 13.68 -13.75
C GLU C 270 12.25 13.18 -13.91
N GLY C 271 12.13 11.92 -14.27
CA GLY C 271 10.85 11.25 -14.33
C GLY C 271 10.95 9.95 -15.08
N LEU C 272 9.78 9.40 -15.40
CA LEU C 272 9.70 8.22 -16.26
C LEU C 272 8.69 8.45 -17.39
N PHE C 273 8.76 7.58 -18.39
CA PHE C 273 7.76 7.59 -19.44
C PHE C 273 7.29 6.17 -19.69
N SER C 274 6.09 6.04 -20.25
CA SER C 274 5.53 4.77 -20.68
C SER C 274 4.96 5.03 -22.04
N LEU C 275 5.09 4.07 -22.95
CA LEU C 275 4.50 4.22 -24.27
C LEU C 275 4.13 2.92 -24.94
N VAL C 276 3.06 3.01 -25.72
CA VAL C 276 2.61 1.94 -26.54
C VAL C 276 2.65 2.46 -27.97
N ALA C 277 3.43 1.77 -28.79
CA ALA C 277 3.50 2.06 -30.22
C ALA C 277 3.09 0.79 -30.98
N ARG C 278 2.55 0.96 -32.19
CA ARG C 278 2.29 -0.18 -33.07
C ARG C 278 3.27 -0.22 -34.24
N LYS C 279 3.74 -1.42 -34.56
CA LYS C 279 4.63 -1.62 -35.70
C LYS C 279 3.86 -1.33 -36.98
N LEU C 280 4.40 -0.42 -37.80
CA LEU C 280 3.79 0.00 -39.06
C LEU C 280 3.30 -1.17 -39.91
N SER C 281 2.06 -1.08 -40.37
CA SER C 281 1.51 -1.99 -41.38
C SER C 281 0.15 -1.51 -41.89
N PHE D 25 -17.78 27.32 -42.55
CA PHE D 25 -17.64 26.65 -41.22
C PHE D 25 -18.76 27.07 -40.26
N THR D 26 -19.28 26.11 -39.50
CA THR D 26 -20.40 26.35 -38.58
C THR D 26 -20.06 27.35 -37.47
N SER D 27 -20.79 28.46 -37.44
CA SER D 27 -20.58 29.49 -36.42
C SER D 27 -21.25 29.13 -35.08
N LYS D 28 -20.97 29.93 -34.05
CA LYS D 28 -21.47 29.72 -32.69
C LYS D 28 -22.99 29.65 -32.64
N ASP D 29 -23.64 30.57 -33.36
CA ASP D 29 -25.10 30.74 -33.37
C ASP D 29 -25.89 29.50 -33.79
N THR D 30 -25.30 28.68 -34.67
CA THR D 30 -25.92 27.43 -35.13
C THR D 30 -26.07 26.44 -33.97
N TYR D 31 -25.24 26.58 -32.94
CA TYR D 31 -25.39 25.80 -31.71
C TYR D 31 -26.51 26.34 -30.83
N LEU D 32 -26.94 27.57 -31.11
CA LEU D 32 -28.08 28.14 -30.40
C LEU D 32 -29.39 27.81 -31.12
N SER D 33 -29.33 27.58 -32.44
CA SER D 33 -30.54 27.35 -33.24
C SER D 33 -30.74 25.92 -33.80
N HIS D 34 -29.64 25.19 -34.01
CA HIS D 34 -29.73 23.86 -34.63
C HIS D 34 -29.26 22.70 -33.74
N PHE D 35 -28.56 22.98 -32.65
CA PHE D 35 -28.16 21.93 -31.72
C PHE D 35 -29.34 21.49 -30.83
N ASN D 36 -30.05 20.44 -31.25
CA ASN D 36 -31.10 19.84 -30.43
C ASN D 36 -30.48 18.93 -29.36
N PRO D 37 -30.54 19.37 -28.10
CA PRO D 37 -29.79 18.75 -27.01
C PRO D 37 -30.22 17.32 -26.72
N ARG D 38 -31.50 17.03 -26.90
CA ARG D 38 -32.02 15.68 -26.66
C ARG D 38 -31.86 14.81 -27.91
N ASP D 39 -31.87 15.42 -29.09
CA ASP D 39 -31.55 14.69 -30.32
C ASP D 39 -30.12 14.15 -30.20
N TYR D 40 -29.19 15.02 -29.81
CA TYR D 40 -27.78 14.69 -29.61
C TYR D 40 -27.57 13.58 -28.57
N LEU D 41 -28.22 13.73 -27.43
CA LEU D 41 -28.15 12.73 -26.36
C LEU D 41 -28.62 11.38 -26.87
N GLU D 42 -29.71 11.37 -27.62
CA GLU D 42 -30.26 10.15 -28.20
C GLU D 42 -29.36 9.51 -29.27
N LYS D 43 -28.72 10.34 -30.10
CA LYS D 43 -27.82 9.86 -31.14
C LYS D 43 -26.57 9.20 -30.56
N TYR D 44 -25.84 9.94 -29.73
CA TYR D 44 -24.48 9.52 -29.36
C TYR D 44 -24.29 8.94 -27.96
N TYR D 45 -25.33 8.94 -27.14
CA TYR D 45 -25.15 8.59 -25.72
C TYR D 45 -26.15 7.59 -25.09
N LYS D 46 -26.91 6.88 -25.94
CA LYS D 46 -27.75 5.77 -25.47
C LYS D 46 -26.89 4.54 -25.34
N PHE D 47 -26.05 4.55 -24.32
CA PHE D 47 -25.09 3.49 -24.05
C PHE D 47 -25.78 2.14 -23.87
N HIS D 51 -24.02 -3.34 -29.74
CA HIS D 51 -22.58 -3.13 -29.68
C HIS D 51 -22.13 -2.27 -30.87
N SER D 52 -22.36 -0.96 -30.78
CA SER D 52 -22.07 -0.05 -31.91
C SER D 52 -20.80 0.79 -31.71
N ALA D 53 -20.53 1.65 -32.70
CA ALA D 53 -19.34 2.50 -32.70
C ALA D 53 -19.42 3.64 -31.66
N GLU D 54 -20.59 4.29 -31.59
CA GLU D 54 -20.86 5.31 -30.57
C GLU D 54 -20.61 4.77 -29.15
N SER D 55 -21.08 3.55 -28.90
CA SER D 55 -20.91 2.87 -27.62
C SER D 55 -19.47 2.50 -27.32
N GLN D 56 -18.75 2.01 -28.33
CA GLN D 56 -17.32 1.70 -28.16
C GLN D 56 -16.54 2.97 -27.80
N ILE D 57 -16.83 4.05 -28.52
CA ILE D 57 -16.20 5.35 -28.26
C ILE D 57 -16.52 5.85 -26.87
N LEU D 58 -17.79 5.86 -26.49
CA LEU D 58 -18.17 6.25 -25.14
C LEU D 58 -17.44 5.39 -24.10
N LYS D 59 -17.38 4.07 -24.35
CA LYS D 59 -16.65 3.13 -23.50
C LYS D 59 -15.20 3.56 -23.27
N HIS D 60 -14.45 3.82 -24.34
CA HIS D 60 -13.03 4.12 -24.17
C HIS D 60 -12.79 5.51 -23.58
N LEU D 61 -13.75 6.41 -23.83
CA LEU D 61 -13.78 7.72 -23.15
C LEU D 61 -13.91 7.57 -21.64
N LEU D 62 -14.85 6.75 -21.20
CA LEU D 62 -15.06 6.52 -19.77
C LEU D 62 -13.84 5.92 -19.07
N LYS D 63 -13.17 4.97 -19.72
CA LYS D 63 -11.94 4.37 -19.18
C LYS D 63 -10.75 5.35 -19.12
N ASN D 64 -10.60 6.18 -20.15
CA ASN D 64 -9.59 7.25 -20.13
C ASN D 64 -9.82 8.16 -18.94
N LEU D 65 -11.06 8.62 -18.82
CA LEU D 65 -11.47 9.47 -17.71
C LEU D 65 -11.21 8.74 -16.41
N PHE D 66 -11.40 7.41 -16.44
CA PHE D 66 -11.21 6.57 -15.28
C PHE D 66 -9.73 6.53 -14.87
N LYS D 67 -8.86 6.36 -15.85
CA LYS D 67 -7.43 6.34 -15.57
C LYS D 67 -6.97 7.69 -15.05
N ILE D 68 -7.31 8.76 -15.76
CA ILE D 68 -6.83 10.10 -15.40
C ILE D 68 -7.22 10.47 -13.97
N PHE D 69 -8.51 10.35 -13.66
CA PHE D 69 -9.03 10.82 -12.38
C PHE D 69 -8.93 9.84 -11.21
N CYS D 70 -9.00 8.54 -11.47
CA CYS D 70 -8.96 7.54 -10.37
C CYS D 70 -7.62 6.85 -10.09
N LEU D 71 -6.81 6.60 -11.12
CA LEU D 71 -5.57 5.89 -10.93
C LEU D 71 -4.39 6.83 -10.82
N ASP D 72 -4.43 7.93 -11.57
CA ASP D 72 -3.44 9.00 -11.45
C ASP D 72 -3.84 10.02 -10.38
N GLY D 73 -2.87 10.82 -9.95
CA GLY D 73 -3.11 11.81 -8.89
C GLY D 73 -3.84 13.06 -9.33
N VAL D 74 -4.60 12.99 -10.43
CA VAL D 74 -5.37 14.13 -10.91
C VAL D 74 -6.63 14.36 -10.05
N LYS D 75 -6.39 14.81 -8.83
CA LYS D 75 -7.44 15.19 -7.90
C LYS D 75 -7.34 16.70 -7.63
N GLY D 76 -8.20 17.23 -6.79
CA GLY D 76 -8.13 18.65 -6.42
C GLY D 76 -9.42 19.25 -5.91
N ASP D 77 -9.39 20.57 -5.69
CA ASP D 77 -10.57 21.28 -5.22
C ASP D 77 -11.60 21.47 -6.32
N LEU D 78 -11.20 22.19 -7.38
CA LEU D 78 -12.13 22.59 -8.42
C LEU D 78 -11.77 22.08 -9.81
N LEU D 79 -12.80 21.71 -10.57
CA LEU D 79 -12.68 21.36 -11.98
C LEU D 79 -13.72 22.15 -12.77
N ILE D 80 -13.25 22.86 -13.78
CA ILE D 80 -14.15 23.54 -14.70
C ILE D 80 -14.30 22.69 -15.97
N ASP D 81 -15.54 22.32 -16.27
CA ASP D 81 -15.85 21.54 -17.45
C ASP D 81 -16.38 22.49 -18.52
N ILE D 82 -15.66 22.59 -19.62
CA ILE D 82 -15.92 23.61 -20.62
C ILE D 82 -16.55 22.96 -21.84
N GLY D 83 -17.59 23.60 -22.38
CA GLY D 83 -18.36 23.02 -23.47
C GLY D 83 -18.99 21.72 -23.01
N SER D 84 -19.49 21.72 -21.77
CA SER D 84 -20.06 20.53 -21.14
C SER D 84 -21.12 19.87 -22.01
N GLY D 85 -21.84 20.69 -22.77
CA GLY D 85 -22.98 20.23 -23.55
C GLY D 85 -24.11 19.81 -22.62
N PRO D 86 -24.99 18.92 -23.09
CA PRO D 86 -26.03 18.36 -22.26
C PRO D 86 -25.59 17.08 -21.53
N THR D 87 -24.30 16.82 -21.50
CA THR D 87 -23.81 15.54 -21.03
C THR D 87 -23.20 15.62 -19.63
N ILE D 88 -23.30 14.53 -18.87
CA ILE D 88 -22.72 14.48 -17.56
C ILE D 88 -21.68 13.39 -17.46
N TYR D 89 -21.60 12.55 -18.49
CA TYR D 89 -20.80 11.32 -18.48
C TYR D 89 -19.32 11.60 -18.18
N GLN D 90 -18.82 12.76 -18.59
CA GLN D 90 -17.42 13.11 -18.42
C GLN D 90 -17.09 13.50 -16.98
N LEU D 91 -18.13 13.67 -16.17
CA LEU D 91 -17.96 14.12 -14.80
C LEU D 91 -18.07 13.00 -13.79
N LEU D 92 -18.41 11.80 -14.27
CA LEU D 92 -18.64 10.64 -13.42
C LEU D 92 -17.46 10.17 -12.55
N SER D 93 -16.29 9.94 -13.14
CA SER D 93 -15.09 9.68 -12.35
C SER D 93 -14.50 10.93 -11.72
N ALA D 94 -14.69 12.07 -12.37
CA ALA D 94 -14.11 13.32 -11.88
C ALA D 94 -14.65 13.74 -10.49
N CYS D 95 -15.92 13.45 -10.23
CA CYS D 95 -16.53 13.83 -8.95
C CYS D 95 -16.00 13.05 -7.76
N GLU D 96 -15.18 12.03 -8.00
CA GLU D 96 -14.44 11.35 -6.91
C GLU D 96 -13.20 12.16 -6.54
N SER D 97 -12.53 12.69 -7.55
CA SER D 97 -11.24 13.33 -7.41
C SER D 97 -11.41 14.82 -7.10
N PHE D 98 -12.62 15.33 -7.28
CA PHE D 98 -12.86 16.75 -7.08
C PHE D 98 -13.97 17.04 -6.12
N LYS D 99 -13.76 18.07 -5.30
CA LYS D 99 -14.76 18.59 -4.37
C LYS D 99 -15.84 19.38 -5.15
N GLU D 100 -15.36 20.28 -6.00
CA GLU D 100 -16.24 21.18 -6.75
C GLU D 100 -16.04 21.12 -8.25
N ILE D 101 -17.15 21.00 -8.97
CA ILE D 101 -17.13 20.97 -10.41
C ILE D 101 -18.07 22.06 -10.90
N VAL D 102 -17.64 22.85 -11.87
CA VAL D 102 -18.51 23.82 -12.50
C VAL D 102 -18.65 23.47 -13.96
N VAL D 103 -19.89 23.45 -14.45
CA VAL D 103 -20.18 23.07 -15.84
C VAL D 103 -20.63 24.27 -16.68
N THR D 104 -20.11 24.34 -17.90
CA THR D 104 -20.32 25.52 -18.74
C THR D 104 -20.52 25.11 -20.19
N ASP D 105 -21.29 25.90 -20.92
CA ASP D 105 -21.52 25.67 -22.34
C ASP D 105 -21.96 26.97 -22.98
N TYR D 106 -21.84 27.07 -24.29
CA TYR D 106 -22.30 28.25 -25.04
C TYR D 106 -23.82 28.24 -25.20
N SER D 107 -24.38 27.05 -25.31
CA SER D 107 -25.81 26.89 -25.50
C SER D 107 -26.56 26.79 -24.18
N ASP D 108 -27.41 27.78 -23.94
CA ASP D 108 -28.38 27.78 -22.85
C ASP D 108 -29.23 26.50 -22.82
N GLN D 109 -29.88 26.18 -23.93
CA GLN D 109 -30.79 25.01 -23.94
C GLN D 109 -30.04 23.69 -23.73
N ASN D 110 -28.73 23.69 -24.03
CA ASN D 110 -27.85 22.60 -23.59
C ASN D 110 -27.76 22.54 -22.06
N LEU D 111 -27.52 23.69 -21.44
CA LEU D 111 -27.38 23.79 -19.99
C LEU D 111 -28.66 23.38 -19.27
N GLN D 112 -29.80 23.53 -19.97
CA GLN D 112 -31.11 23.19 -19.44
C GLN D 112 -31.35 21.68 -19.37
N GLU D 113 -30.86 20.93 -20.37
CA GLU D 113 -30.84 19.45 -20.31
C GLU D 113 -29.88 18.93 -19.23
N LEU D 114 -28.78 19.65 -19.01
CA LEU D 114 -27.88 19.37 -17.88
C LEU D 114 -28.59 19.50 -16.55
N GLU D 115 -29.22 20.66 -16.33
CA GLU D 115 -29.91 20.98 -15.08
C GLU D 115 -31.12 20.08 -14.78
N LYS D 116 -31.92 19.77 -15.80
CA LYS D 116 -32.95 18.74 -15.73
C LYS D 116 -32.44 17.49 -15.01
N TRP D 117 -31.27 17.00 -15.45
CA TRP D 117 -30.65 15.84 -14.83
C TRP D 117 -30.11 16.08 -13.41
N LEU D 118 -29.38 17.18 -13.19
CA LEU D 118 -28.97 17.50 -11.83
C LEU D 118 -30.18 17.47 -10.86
N LYS D 119 -31.33 17.99 -11.31
CA LYS D 119 -32.50 18.12 -10.45
C LYS D 119 -33.39 16.86 -10.35
N ALA D 120 -33.06 15.85 -11.17
CA ALA D 120 -33.75 14.55 -11.22
C ALA D 120 -35.22 14.63 -11.67
N ALA D 121 -35.46 15.46 -12.67
CA ALA D 121 -36.73 15.49 -13.36
C ALA D 121 -36.94 14.16 -14.07
N PRO D 122 -38.19 13.65 -14.09
CA PRO D 122 -38.50 12.43 -14.84
C PRO D 122 -38.22 12.57 -16.34
N ALA D 123 -38.41 13.79 -16.87
CA ALA D 123 -38.13 14.11 -18.28
C ALA D 123 -36.64 14.24 -18.60
N ALA D 124 -35.78 14.25 -17.59
CA ALA D 124 -34.32 14.22 -17.79
C ALA D 124 -33.89 12.91 -18.46
N PHE D 125 -32.71 12.95 -19.12
CA PHE D 125 -32.17 11.83 -19.90
C PHE D 125 -31.73 10.66 -19.02
N ASP D 126 -31.86 9.43 -19.54
CA ASP D 126 -31.51 8.24 -18.76
C ASP D 126 -30.03 7.89 -18.85
N TRP D 127 -29.24 8.33 -17.88
CA TRP D 127 -27.81 8.02 -17.88
C TRP D 127 -27.44 6.72 -17.19
N SER D 128 -28.43 6.01 -16.63
CA SER D 128 -28.17 4.92 -15.69
C SER D 128 -27.20 3.78 -16.11
N PRO D 129 -27.29 3.29 -17.38
CA PRO D 129 -26.26 2.30 -17.79
C PRO D 129 -24.83 2.86 -17.86
N VAL D 130 -24.68 4.15 -18.16
CA VAL D 130 -23.34 4.76 -18.15
C VAL D 130 -22.86 4.86 -16.72
N VAL D 131 -23.75 5.26 -15.82
CA VAL D 131 -23.49 5.24 -14.38
C VAL D 131 -23.00 3.85 -13.90
N THR D 132 -23.77 2.80 -14.21
CA THR D 132 -23.39 1.41 -13.88
C THR D 132 -22.02 1.05 -14.43
N TYR D 133 -21.78 1.37 -15.69
CA TYR D 133 -20.49 1.03 -16.31
C TYR D 133 -19.31 1.70 -15.60
N VAL D 134 -19.49 2.94 -15.16
CA VAL D 134 -18.43 3.66 -14.44
C VAL D 134 -18.22 3.08 -13.04
N CYS D 135 -19.33 2.74 -12.38
CA CYS D 135 -19.28 2.06 -11.11
C CYS D 135 -18.49 0.75 -11.21
N ASP D 136 -18.72 -0.01 -12.29
CA ASP D 136 -17.94 -1.22 -12.57
C ASP D 136 -16.45 -0.93 -12.53
N LEU D 137 -16.02 0.05 -13.33
CA LEU D 137 -14.61 0.40 -13.44
C LEU D 137 -13.97 0.70 -12.09
N GLU D 138 -14.64 1.54 -11.31
CA GLU D 138 -14.15 1.96 -10.01
C GLU D 138 -14.13 0.80 -9.02
N GLY D 139 -14.73 -0.32 -9.42
CA GLY D 139 -14.65 -1.55 -8.63
C GLY D 139 -15.91 -1.84 -7.84
N ASN D 140 -17.05 -1.32 -8.30
CA ASN D 140 -18.35 -1.50 -7.65
C ASN D 140 -18.36 -1.04 -6.19
N ARG D 141 -17.78 0.13 -5.95
CA ARG D 141 -17.73 0.71 -4.61
C ARG D 141 -19.13 1.21 -4.22
N VAL D 142 -19.80 1.78 -5.22
CA VAL D 142 -21.14 2.34 -5.05
C VAL D 142 -22.04 1.76 -6.11
N LYS D 143 -23.35 1.80 -5.87
CA LYS D 143 -24.31 1.55 -6.93
C LYS D 143 -24.62 2.88 -7.63
N GLY D 144 -25.43 2.80 -8.68
CA GLY D 144 -25.86 3.95 -9.48
C GLY D 144 -26.27 5.20 -8.74
N PRO D 145 -27.36 5.13 -7.95
CA PRO D 145 -27.93 6.26 -7.20
C PRO D 145 -26.95 6.98 -6.28
N GLU D 146 -26.00 6.25 -5.69
CA GLU D 146 -24.95 6.84 -4.86
C GLU D 146 -23.97 7.64 -5.70
N LYS D 147 -23.68 7.12 -6.88
CA LYS D 147 -22.75 7.77 -7.78
C LYS D 147 -23.40 9.02 -8.33
N GLU D 148 -24.69 8.91 -8.63
CA GLU D 148 -25.43 10.02 -9.21
C GLU D 148 -25.58 11.16 -8.20
N GLU D 149 -25.74 10.78 -6.94
CA GLU D 149 -25.91 11.73 -5.86
C GLU D 149 -24.60 12.45 -5.61
N LYS D 150 -23.49 11.73 -5.65
CA LYS D 150 -22.18 12.35 -5.49
C LYS D 150 -21.90 13.39 -6.58
N LEU D 151 -22.28 13.10 -7.82
CA LEU D 151 -22.08 14.04 -8.92
C LEU D 151 -22.94 15.26 -8.70
N ARG D 152 -24.18 15.04 -8.27
CA ARG D 152 -25.13 16.13 -8.07
C ARG D 152 -24.69 17.10 -6.97
N GLN D 153 -23.97 16.59 -5.98
CA GLN D 153 -23.50 17.42 -4.86
C GLN D 153 -22.17 18.09 -5.17
N ALA D 154 -21.43 17.51 -6.11
CA ALA D 154 -20.19 18.07 -6.58
C ALA D 154 -20.44 19.30 -7.44
N VAL D 155 -21.45 19.22 -8.31
CA VAL D 155 -21.76 20.30 -9.27
C VAL D 155 -22.41 21.51 -8.58
N LYS D 156 -21.69 22.64 -8.60
CA LYS D 156 -22.01 23.82 -7.78
C LYS D 156 -22.47 25.04 -8.59
N GLN D 157 -22.12 25.09 -9.87
CA GLN D 157 -22.52 26.20 -10.74
C GLN D 157 -22.70 25.78 -12.20
N VAL D 158 -23.67 26.41 -12.85
CA VAL D 158 -23.96 26.20 -14.26
C VAL D 158 -23.79 27.56 -14.96
N LEU D 159 -22.85 27.64 -15.89
CA LEU D 159 -22.53 28.92 -16.51
C LEU D 159 -22.48 28.85 -18.03
N LYS D 160 -22.95 29.90 -18.67
CA LYS D 160 -22.70 30.12 -20.08
C LYS D 160 -21.18 30.40 -20.26
N CYS D 161 -20.57 29.84 -21.31
CA CYS D 161 -19.18 30.15 -21.64
C CYS D 161 -18.90 30.24 -23.14
N ASP D 162 -17.76 30.85 -23.47
CA ASP D 162 -17.30 30.92 -24.85
C ASP D 162 -15.78 30.77 -24.92
N VAL D 163 -15.32 29.63 -25.46
CA VAL D 163 -13.88 29.32 -25.53
C VAL D 163 -13.10 30.30 -26.39
N THR D 164 -13.80 30.97 -27.31
CA THR D 164 -13.20 31.94 -28.21
C THR D 164 -12.96 33.31 -27.55
N GLN D 165 -13.56 33.56 -26.40
CA GLN D 165 -13.34 34.81 -25.64
C GLN D 165 -12.12 34.66 -24.74
N SER D 166 -11.31 35.71 -24.67
CA SER D 166 -10.11 35.72 -23.81
C SER D 166 -10.46 35.69 -22.31
N GLN D 167 -11.76 35.69 -22.02
CA GLN D 167 -12.26 35.39 -20.70
C GLN D 167 -13.49 34.50 -20.87
N PRO D 168 -13.29 33.17 -20.90
CA PRO D 168 -14.31 32.18 -21.30
C PRO D 168 -15.66 32.32 -20.59
N LEU D 169 -15.64 32.69 -19.31
CA LEU D 169 -16.85 32.80 -18.53
C LEU D 169 -17.35 34.23 -18.42
N GLY D 170 -16.81 35.11 -19.26
CA GLY D 170 -17.15 36.54 -19.23
C GLY D 170 -16.70 37.19 -17.94
N ALA D 171 -17.57 38.01 -17.36
CA ALA D 171 -17.28 38.73 -16.12
C ALA D 171 -17.19 37.80 -14.90
N VAL D 172 -18.13 36.86 -14.84
CA VAL D 172 -18.32 35.94 -13.70
C VAL D 172 -17.02 35.49 -13.01
N PRO D 173 -16.92 35.68 -11.69
CA PRO D 173 -15.75 35.27 -10.90
C PRO D 173 -15.79 33.80 -10.48
N LEU D 174 -14.61 33.20 -10.34
CA LEU D 174 -14.42 31.83 -9.87
C LEU D 174 -13.00 31.73 -9.37
N PRO D 175 -12.73 30.80 -8.44
CA PRO D 175 -11.32 30.55 -8.09
C PRO D 175 -10.57 29.95 -9.29
N PRO D 176 -9.22 29.94 -9.25
CA PRO D 176 -8.52 29.20 -10.31
C PRO D 176 -8.74 27.71 -10.06
N ALA D 177 -8.93 26.95 -11.14
CA ALA D 177 -9.26 25.52 -11.01
C ALA D 177 -8.03 24.63 -11.00
N ASP D 178 -8.14 23.51 -10.29
CA ASP D 178 -7.09 22.49 -10.29
C ASP D 178 -7.05 21.74 -11.61
N CYS D 179 -8.11 21.87 -12.40
CA CYS D 179 -8.22 21.18 -13.69
C CYS D 179 -9.29 21.81 -14.57
N VAL D 180 -9.02 21.90 -15.87
CA VAL D 180 -10.05 22.27 -16.88
C VAL D 180 -10.25 21.08 -17.81
N LEU D 181 -11.50 20.65 -17.94
CA LEU D 181 -11.82 19.49 -18.78
C LEU D 181 -12.78 19.91 -19.89
N SER D 182 -12.44 19.52 -21.12
CA SER D 182 -13.30 19.76 -22.26
C SER D 182 -13.32 18.50 -23.13
N THR D 183 -14.53 18.00 -23.41
CA THR D 183 -14.65 16.75 -24.17
C THR D 183 -15.45 16.96 -25.44
N LEU D 184 -14.78 16.73 -26.57
CA LEU D 184 -15.40 16.80 -27.89
C LEU D 184 -15.94 18.18 -28.26
N CYS D 185 -15.34 19.22 -27.67
CA CYS D 185 -15.86 20.58 -27.82
C CYS D 185 -14.99 21.47 -28.71
N LEU D 186 -13.67 21.38 -28.52
CA LEU D 186 -12.74 22.30 -29.15
C LEU D 186 -12.72 22.24 -30.69
N ASP D 187 -12.84 21.02 -31.21
CA ASP D 187 -12.92 20.80 -32.65
C ASP D 187 -14.15 21.45 -33.29
N ALA D 188 -15.28 21.32 -32.60
CA ALA D 188 -16.56 21.85 -33.08
C ALA D 188 -16.61 23.37 -33.02
N ALA D 189 -15.69 23.96 -32.23
CA ALA D 189 -15.74 25.37 -31.85
C ALA D 189 -14.66 26.26 -32.47
N CYS D 190 -13.78 25.69 -33.28
CA CYS D 190 -12.70 26.48 -33.87
C CYS D 190 -12.61 26.24 -35.37
N PRO D 191 -13.02 27.25 -36.17
CA PRO D 191 -12.81 27.22 -37.62
C PRO D 191 -11.37 26.85 -38.02
N ASP D 192 -10.39 27.28 -37.23
CA ASP D 192 -8.98 27.21 -37.63
C ASP D 192 -8.01 27.09 -36.45
N LEU D 193 -6.73 26.95 -36.76
CA LEU D 193 -5.68 26.74 -35.76
C LEU D 193 -5.32 27.96 -34.89
N PRO D 194 -5.21 29.17 -35.50
CA PRO D 194 -5.14 30.35 -34.63
C PRO D 194 -6.20 30.29 -33.53
N THR D 195 -7.47 30.07 -33.90
CA THR D 195 -8.54 29.95 -32.94
C THR D 195 -8.21 28.87 -31.91
N TYR D 196 -7.97 27.65 -32.39
CA TYR D 196 -7.70 26.48 -31.54
C TYR D 196 -6.57 26.72 -30.54
N CYS D 197 -5.48 27.35 -31.01
CA CYS D 197 -4.33 27.68 -30.16
CA CYS D 197 -4.32 27.69 -30.17
C CYS D 197 -4.68 28.75 -29.14
N ARG D 198 -5.43 29.76 -29.58
CA ARG D 198 -5.86 30.86 -28.71
C ARG D 198 -6.89 30.39 -27.70
N ALA D 199 -7.77 29.49 -28.13
CA ALA D 199 -8.79 28.91 -27.27
C ALA D 199 -8.11 28.13 -26.17
N LEU D 200 -7.14 27.28 -26.55
CA LEU D 200 -6.31 26.53 -25.59
C LEU D 200 -5.74 27.45 -24.53
N ARG D 201 -5.33 28.64 -24.97
CA ARG D 201 -4.78 29.69 -24.13
C ARG D 201 -5.88 30.45 -23.33
N ASN D 202 -7.00 30.77 -24.00
CA ASN D 202 -8.19 31.31 -23.30
C ASN D 202 -8.58 30.50 -22.06
N LEU D 203 -8.54 29.16 -22.17
CA LEU D 203 -8.86 28.25 -21.07
C LEU D 203 -7.78 28.21 -20.00
N GLY D 204 -6.56 28.60 -20.38
CA GLY D 204 -5.43 28.60 -19.47
C GLY D 204 -5.55 29.60 -18.34
N SER D 205 -6.27 30.69 -18.61
CA SER D 205 -6.44 31.78 -17.64
C SER D 205 -7.14 31.28 -16.37
N LEU D 206 -8.02 30.28 -16.55
CA LEU D 206 -8.80 29.73 -15.47
C LEU D 206 -8.00 28.80 -14.55
N LEU D 207 -6.80 28.41 -14.98
CA LEU D 207 -6.01 27.40 -14.28
C LEU D 207 -4.94 27.92 -13.33
N LYS D 208 -4.81 27.26 -12.17
CA LYS D 208 -3.66 27.45 -11.27
C LYS D 208 -2.33 27.23 -12.02
N PRO D 209 -1.20 27.71 -11.45
CA PRO D 209 0.11 27.23 -11.91
C PRO D 209 0.25 25.73 -11.66
N GLY D 210 0.66 24.98 -12.68
CA GLY D 210 0.78 23.52 -12.58
C GLY D 210 -0.54 22.79 -12.51
N GLY D 211 -1.58 23.37 -13.11
CA GLY D 211 -2.92 22.78 -13.14
C GLY D 211 -3.12 21.93 -14.37
N PHE D 212 -4.11 21.06 -14.34
CA PHE D 212 -4.32 20.09 -15.42
C PHE D 212 -5.31 20.55 -16.51
N LEU D 213 -4.90 20.38 -17.76
CA LEU D 213 -5.82 20.57 -18.87
C LEU D 213 -6.12 19.20 -19.46
N VAL D 214 -7.36 18.76 -19.31
CA VAL D 214 -7.79 17.45 -19.79
C VAL D 214 -8.70 17.64 -20.99
N ILE D 215 -8.19 17.22 -22.15
CA ILE D 215 -8.88 17.41 -23.42
C ILE D 215 -9.10 16.07 -24.12
N MET D 216 -10.26 15.93 -24.74
CA MET D 216 -10.58 14.78 -25.57
C MET D 216 -11.36 15.30 -26.74
N ASP D 217 -11.08 14.75 -27.92
CA ASP D 217 -11.79 15.15 -29.13
C ASP D 217 -11.49 14.21 -30.28
N ALA D 218 -12.22 14.40 -31.38
CA ALA D 218 -12.04 13.63 -32.61
C ALA D 218 -10.72 13.97 -33.28
N LEU D 219 -10.10 12.99 -33.94
CA LEU D 219 -8.90 13.24 -34.75
C LEU D 219 -9.30 13.21 -36.20
N LYS D 220 -8.72 14.11 -36.99
CA LYS D 220 -8.90 14.17 -38.44
C LYS D 220 -10.38 14.06 -38.83
N SER D 221 -11.21 14.79 -38.10
CA SER D 221 -12.63 14.81 -38.35
C SER D 221 -12.94 16.17 -38.94
N SER D 222 -13.76 16.18 -39.99
CA SER D 222 -14.13 17.45 -40.63
C SER D 222 -15.57 17.81 -40.31
N TYR D 223 -16.40 16.79 -40.11
CA TYR D 223 -17.81 17.00 -39.78
C TYR D 223 -18.35 15.89 -38.86
N TYR D 224 -19.43 16.20 -38.14
CA TYR D 224 -20.21 15.20 -37.38
C TYR D 224 -21.72 15.51 -37.46
N MET D 225 -22.54 14.46 -37.45
CA MET D 225 -23.97 14.56 -37.71
C MET D 225 -24.85 14.39 -36.47
N ILE D 226 -25.86 15.25 -36.31
CA ILE D 226 -26.93 14.98 -35.33
C ILE D 226 -28.21 14.64 -36.07
N GLU D 228 -30.05 14.66 -39.35
CA GLU D 228 -29.96 15.39 -40.61
C GLU D 228 -29.14 16.68 -40.46
N GLN D 229 -28.85 17.05 -39.22
CA GLN D 229 -27.99 18.21 -38.95
C GLN D 229 -26.50 17.89 -39.07
N LYS D 230 -25.84 18.60 -39.99
CA LYS D 230 -24.39 18.55 -40.13
C LYS D 230 -23.75 19.61 -39.26
N PHE D 231 -22.60 19.29 -38.70
CA PHE D 231 -21.87 20.23 -37.88
C PHE D 231 -20.40 20.17 -38.22
N SER D 232 -19.83 21.32 -38.56
CA SER D 232 -18.42 21.43 -38.86
C SER D 232 -17.53 20.93 -37.72
N SER D 233 -16.27 20.66 -38.08
CA SER D 233 -15.23 20.20 -37.15
C SER D 233 -13.85 20.47 -37.75
N LEU D 234 -12.89 20.80 -36.88
CA LEU D 234 -11.51 21.06 -37.27
C LEU D 234 -10.69 19.76 -37.32
N PRO D 235 -10.24 19.38 -38.52
CA PRO D 235 -9.52 18.13 -38.62
C PRO D 235 -8.08 18.30 -38.15
N LEU D 236 -7.76 17.69 -37.01
CA LEU D 236 -6.37 17.63 -36.55
C LEU D 236 -5.90 16.21 -36.32
N GLY D 237 -4.60 16.01 -36.48
CA GLY D 237 -3.96 14.79 -36.06
C GLY D 237 -3.12 15.06 -34.82
N ARG D 238 -2.45 14.02 -34.34
CA ARG D 238 -1.56 14.11 -33.18
C ARG D 238 -0.51 15.23 -33.35
N GLU D 239 0.15 15.28 -34.51
CA GLU D 239 1.09 16.36 -34.87
C GLU D 239 0.54 17.73 -34.50
N ALA D 240 -0.51 18.13 -35.22
CA ALA D 240 -1.14 19.44 -35.11
C ALA D 240 -1.61 19.74 -33.69
N VAL D 241 -2.36 18.81 -33.10
CA VAL D 241 -2.83 18.92 -31.71
C VAL D 241 -1.70 19.20 -30.71
N GLU D 242 -0.74 18.28 -30.60
CA GLU D 242 0.37 18.45 -29.68
C GLU D 242 1.04 19.82 -29.88
N ALA D 243 1.40 20.11 -31.13
CA ALA D 243 2.03 21.38 -31.49
C ALA D 243 1.21 22.60 -31.07
N ALA D 244 -0.12 22.48 -31.16
CA ALA D 244 -1.04 23.56 -30.76
C ALA D 244 -0.99 23.79 -29.26
N VAL D 245 -1.05 22.70 -28.51
CA VAL D 245 -0.94 22.70 -27.06
C VAL D 245 0.39 23.27 -26.58
N LYS D 246 1.46 22.90 -27.27
CA LYS D 246 2.81 23.37 -26.96
C LYS D 246 2.95 24.89 -27.16
N GLU D 247 2.24 25.42 -28.17
CA GLU D 247 2.21 26.87 -28.42
C GLU D 247 1.53 27.60 -27.27
N ALA D 248 0.49 26.97 -26.73
CA ALA D 248 -0.35 27.55 -25.69
C ALA D 248 0.36 27.67 -24.34
N GLY D 249 1.63 27.27 -24.30
CA GLY D 249 2.38 27.27 -23.05
C GLY D 249 1.92 26.20 -22.08
N TYR D 250 1.74 24.98 -22.61
CA TYR D 250 1.44 23.79 -21.81
C TYR D 250 2.51 22.72 -22.01
N THR D 251 2.57 21.79 -21.04
CA THR D 251 3.51 20.66 -21.05
C THR D 251 2.75 19.32 -20.92
N ILE D 252 2.72 18.56 -22.00
CA ILE D 252 1.90 17.34 -22.14
C ILE D 252 2.27 16.17 -21.22
N GLU D 253 1.45 15.94 -20.21
CA GLU D 253 1.65 14.83 -19.27
C GLU D 253 1.24 13.47 -19.86
N TRP D 254 0.14 13.42 -20.60
CA TRP D 254 -0.15 12.26 -21.45
C TRP D 254 -1.02 12.45 -22.70
N PHE D 255 -0.85 11.55 -23.66
CA PHE D 255 -1.57 11.59 -24.90
C PHE D 255 -1.93 10.17 -25.31
N GLU D 256 -3.21 9.94 -25.56
CA GLU D 256 -3.64 8.66 -26.11
C GLU D 256 -4.37 8.88 -27.41
N VAL D 257 -4.09 8.02 -28.37
CA VAL D 257 -4.80 7.97 -29.63
C VAL D 257 -5.55 6.65 -29.66
N ILE D 258 -6.86 6.72 -29.76
CA ILE D 258 -7.64 5.50 -29.99
C ILE D 258 -8.07 5.41 -31.45
N SER D 259 -8.14 4.19 -31.96
CA SER D 259 -8.40 3.95 -33.37
C SER D 259 -9.88 4.18 -33.72
N GLN D 260 -10.77 3.69 -32.87
CA GLN D 260 -12.21 3.65 -33.16
C GLN D 260 -12.75 4.90 -33.82
N SER D 261 -13.50 4.69 -34.90
CA SER D 261 -14.18 5.78 -35.58
C SER D 261 -15.66 5.69 -35.32
N TYR D 262 -16.32 6.85 -35.37
CA TYR D 262 -17.76 6.90 -35.36
C TYR D 262 -18.32 6.15 -36.56
N SER D 263 -19.64 5.98 -36.57
CA SER D 263 -20.35 5.37 -37.69
C SER D 263 -20.14 6.17 -38.97
N SER D 264 -20.15 5.47 -40.09
CA SER D 264 -19.95 6.08 -41.40
C SER D 264 -20.89 7.26 -41.65
N THR D 265 -22.16 7.09 -41.28
CA THR D 265 -23.21 8.07 -41.57
C THR D 265 -23.13 9.32 -40.69
N MET D 266 -22.29 9.28 -39.66
CA MET D 266 -22.36 10.26 -38.58
C MET D 266 -21.11 11.11 -38.39
N ALA D 267 -19.97 10.61 -38.86
CA ALA D 267 -18.72 11.36 -38.76
C ALA D 267 -17.60 10.66 -39.52
N ASN D 268 -16.61 11.46 -39.93
CA ASN D 268 -15.48 10.98 -40.71
C ASN D 268 -14.13 11.12 -39.96
N ASN D 269 -14.16 10.88 -38.65
CA ASN D 269 -12.95 10.95 -37.85
C ASN D 269 -12.03 9.74 -38.05
N GLU D 270 -10.73 9.98 -37.94
CA GLU D 270 -9.73 8.90 -38.00
C GLU D 270 -9.75 8.12 -36.70
N GLY D 271 -10.18 8.79 -35.64
CA GLY D 271 -10.36 8.16 -34.34
C GLY D 271 -10.64 9.22 -33.30
N LEU D 272 -10.15 9.00 -32.09
CA LEU D 272 -10.16 10.03 -31.06
C LEU D 272 -8.83 10.09 -30.36
N PHE D 273 -8.60 11.12 -29.58
CA PHE D 273 -7.39 11.25 -28.79
C PHE D 273 -7.78 11.80 -27.43
N SER D 274 -6.98 11.45 -26.43
CA SER D 274 -7.12 11.98 -25.08
C SER D 274 -5.85 12.74 -24.72
N LEU D 275 -5.99 13.76 -23.90
CA LEU D 275 -4.88 14.65 -23.63
C LEU D 275 -4.88 15.18 -22.23
N VAL D 276 -3.72 15.06 -21.60
CA VAL D 276 -3.47 15.73 -20.33
C VAL D 276 -2.27 16.64 -20.53
N ALA D 277 -2.50 17.91 -20.27
CA ALA D 277 -1.45 18.91 -20.23
C ALA D 277 -1.42 19.58 -18.85
N ARG D 278 -0.38 20.39 -18.62
CA ARG D 278 -0.23 21.07 -17.35
C ARG D 278 0.29 22.48 -17.56
N LYS D 279 -0.13 23.39 -16.67
CA LYS D 279 0.33 24.77 -16.71
C LYS D 279 1.71 24.93 -16.05
N LEU D 280 2.55 25.79 -16.63
CA LEU D 280 3.98 25.87 -16.28
C LEU D 280 4.34 26.28 -14.85
#